data_2HHK
#
_entry.id   2HHK
#
_cell.length_a   139.417
_cell.length_b   139.417
_cell.length_c   183.701
_cell.angle_alpha   90.00
_cell.angle_beta   90.00
_cell.angle_gamma   120.00
#
_symmetry.space_group_name_H-M   'P 31 2 1'
#
loop_
_entity.id
_entity.type
_entity.pdbx_description
1 polymer 'Reaction center protein L chain'
2 polymer 'Reaction center protein M chain'
3 polymer 'Reaction center protein H chain'
4 non-polymer 'BACTERIOCHLOROPHYLL A'
5 non-polymer 'BACTERIOPHEOPHYTIN A'
6 non-polymer UBIQUINONE-10
7 non-polymer GLYCEROL
8 non-polymer 'FE (III) ION'
9 non-polymer 'CHLORIDE ION'
10 non-polymer 'PHOSPHATE ION'
11 non-polymer CARDIOLIPIN
12 non-polymer '(1R)-2-{[{[(2R)-2,3-DIHYDROXYPROPYL]OXY}(HYDROXY)PHOSPHORYL]OXY}-1-[(PALMITOYLOXY)METHYL]ETHYL (9S,10S)-9,10-DIBROMOOCTADECANOATE'
13 non-polymer 'LAURYL DIMETHYLAMINE-N-OXIDE'
14 non-polymer 'POTASSIUM ION'
15 non-polymer '(1S)-2-{[{[(2R)-2,3-DIHYDROXYPROPYL]OXY}(HYDROXY)PHOSPHORYL]OXY}-1-[(PALMITOYLOXY)METHYL]ETHYL STEARATE'
16 water water
#
loop_
_entity_poly.entity_id
_entity_poly.type
_entity_poly.pdbx_seq_one_letter_code
_entity_poly.pdbx_strand_id
1 'polypeptide(L)'
;ALLSFERKYRVPGGTLVGGNLFDFWVGPFYVGFFGVATFFFAALGIILIAWSAVLQGTWNPQLISVYPPALEYGLGGAPL
AKGGLWQIITICATGAFVSWALREVEICRKLGIGYHIPFAFAFAILAYLTLVLFRPVMMGAWGYAFPYGIWTHLDWVSNT
GYTYGNFHYNPAHMIAISFFFTNALALALHGALVLSAANPEKGKEMRTPDHEDTFFRDLVGYSIGTLGIHRLGLLLSLSA
VFFSALCMIITGTIWFDQWVDWWQWWVKLPWWANIPGGING
;
L
2 'polypeptide(L)'
;AEYQNIFSQVQVRGPADLGMTEDVNLANRSGVGPFSTLLGWFGNAQLGPIYLGSLGVLSLFSGLMWFFTIGIWFWYQAGW
NPAVFLRDLFFFSLEPPAPEYGLSFAAPLKEGGLWLIASFFMFVAVWSWWGRTYLRAQALGMGKHTAWAFLSAIWLWMVL
GFIRPILMGSWSEAVPYGIFSHLDWTNNFSLVHGNLFYNPFHGLSIAFLYGSALLFAMHGATILAVSRFGGERELEQIAD
RGTAAERAALFWRWTMGFNATMEGIHRWAIWMAVLVTLTGGIGILLSGTVVDNWYVWGQNHGMAPLN
;
M
3 'polypeptide(L)'
;MVGVTAFGNFDLASLAIYSFWIFLAGLIYYLQTENMREGYPLENEDGTPAANQGPFPLPKPKTFILPHGRGTLTVPGPES
EDRPIALARTAVSEGFPHAPTGDPMKDGVGPASWVARRDLPELDGHGHNKIKPMKAAAGFHVSAGKNPIGLPVRGCDLEI
AGKVVDIWVDIPEQMARFLEVELKDGSTRLLPMQMVKVQSNRVHVNALSSDLFAGIPTIKSPTEVTLLEEDKICGYVAGG
LMYAAPKRKSVVAAMLAEYA
;
H
#
# COMPACT_ATOMS: atom_id res chain seq x y z
N ALA A 1 -11.17 23.35 -14.09
CA ALA A 1 -10.17 24.20 -13.35
C ALA A 1 -8.91 23.37 -13.24
N LEU A 2 -7.77 24.03 -13.03
CA LEU A 2 -6.51 23.31 -12.97
C LEU A 2 -5.76 23.52 -11.66
N LEU A 3 -5.03 22.48 -11.26
CA LEU A 3 -4.05 22.66 -10.22
C LEU A 3 -3.00 23.69 -10.73
N SER A 4 -2.35 24.39 -9.79
CA SER A 4 -1.39 25.45 -10.14
C SER A 4 -0.30 24.99 -11.14
N PHE A 5 0.05 23.72 -11.11
CA PHE A 5 1.18 23.21 -11.82
C PHE A 5 0.73 22.31 -13.00
N GLU A 6 -0.58 22.29 -13.24
CA GLU A 6 -1.16 21.26 -14.11
C GLU A 6 -1.04 21.51 -15.61
N ARG A 7 -1.04 22.77 -16.05
CA ARG A 7 -1.19 23.06 -17.50
C ARG A 7 -0.11 22.42 -18.34
N LYS A 8 1.13 22.48 -17.86
CA LYS A 8 2.25 21.96 -18.64
C LYS A 8 2.10 20.49 -19.00
N TYR A 9 1.28 19.73 -18.27
CA TYR A 9 1.15 18.32 -18.54
C TYR A 9 -0.04 18.01 -19.45
N ARG A 10 -0.97 18.97 -19.65
CA ARG A 10 -2.14 18.72 -20.49
C ARG A 10 -1.85 18.90 -21.98
N VAL A 11 -0.99 18.06 -22.49
CA VAL A 11 -0.61 18.07 -23.89
C VAL A 11 -1.41 17.02 -24.62
N PRO A 12 -1.49 17.13 -25.95
CA PRO A 12 -2.07 16.05 -26.76
C PRO A 12 -1.21 14.79 -26.70
N GLY A 13 -1.85 13.64 -26.81
CA GLY A 13 -1.17 12.37 -27.01
C GLY A 13 -1.35 11.36 -25.89
N GLY A 14 -1.08 10.11 -26.25
CA GLY A 14 -1.09 8.98 -25.33
C GLY A 14 -2.33 8.13 -25.44
N THR A 15 -3.29 8.54 -26.27
CA THR A 15 -4.51 7.80 -26.41
C THR A 15 -4.21 6.45 -27.06
N LEU A 16 -5.00 5.43 -26.76
CA LEU A 16 -4.79 4.11 -27.35
C LEU A 16 -5.67 3.96 -28.58
N VAL A 17 -6.86 4.54 -28.53
CA VAL A 17 -7.83 4.42 -29.57
C VAL A 17 -8.40 5.82 -29.88
N GLY A 18 -8.52 6.11 -31.17
CA GLY A 18 -9.31 7.25 -31.60
C GLY A 18 -8.55 8.54 -31.76
N GLY A 19 -7.22 8.48 -31.72
CA GLY A 19 -6.38 9.68 -31.89
C GLY A 19 -6.79 10.82 -30.97
N ASN A 20 -7.03 11.99 -31.55
CA ASN A 20 -7.44 13.22 -30.84
C ASN A 20 -8.93 13.31 -30.53
N LEU A 21 -9.71 12.35 -31.04
CA LEU A 21 -11.16 12.43 -31.01
C LEU A 21 -11.73 12.60 -29.60
N PHE A 22 -11.10 11.96 -28.63
CA PHE A 22 -11.58 12.01 -27.24
C PHE A 22 -10.46 12.45 -26.28
N ASP A 23 -9.47 13.12 -26.82
CA ASP A 23 -8.31 13.61 -26.05
C ASP A 23 -8.70 14.96 -25.47
N PHE A 24 -9.44 14.92 -24.37
CA PHE A 24 -9.85 16.10 -23.64
C PHE A 24 -10.28 15.76 -22.21
N TRP A 25 -10.50 16.80 -21.40
CA TRP A 25 -10.94 16.67 -20.02
C TRP A 25 -12.37 17.25 -19.85
N VAL A 26 -13.05 16.82 -18.79
CA VAL A 26 -14.26 17.49 -18.24
C VAL A 26 -13.94 17.80 -16.74
N GLY A 27 -13.71 19.09 -16.44
CA GLY A 27 -13.21 19.45 -15.15
C GLY A 27 -11.83 18.79 -14.96
N PRO A 28 -11.63 18.07 -13.84
CA PRO A 28 -10.39 17.39 -13.60
C PRO A 28 -10.26 16.07 -14.37
N PHE A 29 -11.35 15.52 -14.82
CA PHE A 29 -11.35 14.17 -15.34
C PHE A 29 -10.87 14.07 -16.80
N TYR A 30 -9.89 13.23 -17.00
CA TYR A 30 -9.53 12.86 -18.33
C TYR A 30 -10.66 11.94 -18.95
N VAL A 31 -10.94 12.17 -20.23
CA VAL A 31 -11.93 11.38 -20.87
C VAL A 31 -11.26 10.23 -21.62
N GLY A 32 -10.91 10.48 -22.88
CA GLY A 32 -10.35 9.44 -23.72
C GLY A 32 -11.41 8.45 -24.17
N PHE A 33 -11.00 7.52 -25.02
CA PHE A 33 -11.95 6.56 -25.60
C PHE A 33 -12.46 5.66 -24.48
N PHE A 34 -11.60 5.37 -23.52
CA PHE A 34 -12.00 4.56 -22.36
C PHE A 34 -12.79 5.28 -21.26
N GLY A 35 -12.69 6.59 -21.15
CA GLY A 35 -13.66 7.35 -20.42
C GLY A 35 -15.07 7.21 -21.01
N VAL A 36 -15.19 7.42 -22.32
CA VAL A 36 -16.49 7.21 -23.01
C VAL A 36 -16.96 5.75 -22.83
N ALA A 37 -16.08 4.76 -22.94
CA ALA A 37 -16.46 3.37 -22.78
C ALA A 37 -16.94 3.14 -21.34
N THR A 38 -16.20 3.67 -20.35
CA THR A 38 -16.54 3.45 -18.95
C THR A 38 -17.91 4.00 -18.69
N PHE A 39 -18.14 5.22 -19.16
CA PHE A 39 -19.42 5.89 -18.96
C PHE A 39 -20.56 5.06 -19.59
N PHE A 40 -20.33 4.52 -20.77
CA PHE A 40 -21.37 3.78 -21.45
C PHE A 40 -21.72 2.51 -20.64
N PHE A 41 -20.70 1.77 -20.22
CA PHE A 41 -20.89 0.55 -19.48
C PHE A 41 -21.49 0.83 -18.09
N ALA A 42 -20.98 1.89 -17.43
CA ALA A 42 -21.48 2.26 -16.10
C ALA A 42 -22.92 2.61 -16.23
N ALA A 43 -23.20 3.58 -17.09
CA ALA A 43 -24.55 4.08 -17.26
C ALA A 43 -25.52 2.93 -17.53
N LEU A 44 -25.20 2.05 -18.47
CA LEU A 44 -26.12 0.96 -18.83
C LEU A 44 -26.28 0.04 -17.60
N GLY A 45 -25.17 -0.35 -17.00
CA GLY A 45 -25.23 -1.02 -15.71
C GLY A 45 -26.17 -0.40 -14.66
N ILE A 46 -26.03 0.91 -14.41
CA ILE A 46 -26.83 1.54 -13.37
C ILE A 46 -28.35 1.54 -13.75
N ILE A 47 -28.64 1.85 -15.02
CA ILE A 47 -30.00 1.80 -15.51
C ILE A 47 -30.58 0.40 -15.33
N LEU A 48 -29.78 -0.62 -15.55
CA LEU A 48 -30.32 -1.97 -15.50
C LEU A 48 -30.56 -2.39 -14.05
N ILE A 49 -29.66 -2.01 -13.15
CA ILE A 49 -29.89 -2.18 -11.72
C ILE A 49 -31.20 -1.47 -11.32
N ALA A 50 -31.36 -0.23 -11.77
CA ALA A 50 -32.55 0.57 -11.47
C ALA A 50 -33.84 -0.14 -11.95
N TRP A 51 -33.76 -0.74 -13.13
CA TRP A 51 -34.87 -1.53 -13.64
C TRP A 51 -35.10 -2.80 -12.82
N SER A 52 -34.03 -3.40 -12.33
CA SER A 52 -34.18 -4.55 -11.45
C SER A 52 -34.89 -4.15 -10.16
N ALA A 53 -34.57 -2.94 -9.66
CA ALA A 53 -35.24 -2.38 -8.49
C ALA A 53 -36.73 -2.36 -8.73
N VAL A 54 -37.13 -1.79 -9.85
CA VAL A 54 -38.55 -1.77 -10.25
C VAL A 54 -39.23 -3.17 -10.14
N LEU A 55 -38.57 -4.21 -10.65
CA LEU A 55 -39.10 -5.58 -10.74
C LEU A 55 -39.05 -6.34 -9.40
N GLN A 56 -38.17 -5.90 -8.51
CA GLN A 56 -38.14 -6.39 -7.14
C GLN A 56 -39.20 -5.66 -6.30
N GLY A 57 -39.57 -4.45 -6.78
CA GLY A 57 -40.49 -3.49 -6.15
C GLY A 57 -39.94 -2.66 -5.00
N THR A 58 -38.67 -2.31 -5.01
CA THR A 58 -38.15 -1.42 -3.98
C THR A 58 -37.23 -0.37 -4.63
N TRP A 59 -36.99 0.75 -3.95
CA TRP A 59 -35.87 1.66 -4.31
C TRP A 59 -34.80 1.78 -3.23
N ASN A 60 -35.05 1.13 -2.10
CA ASN A 60 -34.21 1.29 -0.93
C ASN A 60 -32.86 0.67 -1.23
N PRO A 61 -31.81 1.45 -1.06
CA PRO A 61 -30.48 0.95 -1.42
C PRO A 61 -29.95 -0.17 -0.49
N GLN A 62 -30.38 -0.18 0.77
CA GLN A 62 -30.16 -1.36 1.63
C GLN A 62 -31.03 -2.58 1.30
N LEU A 63 -32.03 -2.41 0.41
CA LEU A 63 -32.79 -3.55 -0.06
C LEU A 63 -32.57 -3.95 -1.50
N ILE A 64 -32.14 -3.06 -2.39
CA ILE A 64 -32.08 -3.39 -3.82
C ILE A 64 -31.13 -4.56 -4.00
N SER A 65 -31.54 -5.60 -4.70
CA SER A 65 -30.67 -6.74 -4.87
C SER A 65 -30.78 -7.41 -6.24
N VAL A 66 -29.69 -7.62 -6.95
CA VAL A 66 -29.78 -8.27 -8.23
C VAL A 66 -29.13 -9.62 -8.13
N TYR A 67 -29.90 -10.67 -8.27
CA TYR A 67 -29.43 -12.01 -8.05
C TYR A 67 -29.15 -12.73 -9.39
N PRO A 68 -28.15 -13.59 -9.39
CA PRO A 68 -27.90 -14.37 -10.58
C PRO A 68 -28.93 -15.48 -10.89
N PRO A 69 -28.87 -16.00 -12.12
CA PRO A 69 -29.65 -17.19 -12.50
C PRO A 69 -29.59 -18.32 -11.46
N ALA A 70 -30.74 -18.86 -11.09
CA ALA A 70 -30.78 -19.99 -10.19
C ALA A 70 -30.00 -21.16 -10.80
N LEU A 71 -29.50 -22.05 -9.95
CA LEU A 71 -28.59 -23.09 -10.43
C LEU A 71 -29.18 -23.94 -11.54
N GLU A 72 -30.50 -24.11 -11.54
CA GLU A 72 -31.19 -24.86 -12.61
C GLU A 72 -30.79 -24.33 -14.01
N TYR A 73 -30.61 -23.00 -14.12
CA TYR A 73 -30.19 -22.41 -15.41
C TYR A 73 -28.82 -22.80 -15.93
N GLY A 74 -28.02 -23.49 -15.13
CA GLY A 74 -26.65 -23.81 -15.55
C GLY A 74 -25.87 -22.56 -16.02
N LEU A 75 -25.17 -22.72 -17.14
CA LEU A 75 -24.38 -21.64 -17.70
C LEU A 75 -25.11 -20.98 -18.88
N GLY A 76 -26.40 -21.27 -19.05
CA GLY A 76 -27.19 -20.57 -20.06
C GLY A 76 -27.64 -19.20 -19.61
N GLY A 77 -28.47 -18.57 -20.43
CA GLY A 77 -29.06 -17.25 -20.13
C GLY A 77 -30.40 -17.44 -19.43
N ALA A 78 -30.87 -16.40 -18.76
CA ALA A 78 -32.12 -16.50 -18.02
C ALA A 78 -32.94 -15.27 -18.38
N PRO A 79 -34.26 -15.29 -18.07
CA PRO A 79 -35.06 -14.08 -18.28
C PRO A 79 -34.62 -12.89 -17.41
N LEU A 80 -34.77 -11.71 -17.96
CA LEU A 80 -34.43 -10.48 -17.30
C LEU A 80 -34.78 -10.47 -15.80
N ALA A 81 -36.03 -10.66 -15.46
CA ALA A 81 -36.47 -10.59 -14.06
C ALA A 81 -35.97 -11.75 -13.21
N LYS A 82 -35.47 -12.82 -13.84
CA LYS A 82 -35.17 -14.05 -13.12
C LYS A 82 -33.71 -14.48 -13.25
N GLY A 83 -32.79 -13.52 -13.36
CA GLY A 83 -31.34 -13.84 -13.49
C GLY A 83 -30.65 -13.17 -14.69
N GLY A 84 -31.44 -12.89 -15.73
CA GLY A 84 -30.93 -12.29 -16.98
C GLY A 84 -30.23 -10.95 -16.79
N LEU A 85 -30.80 -10.11 -15.93
CA LEU A 85 -30.28 -8.76 -15.72
C LEU A 85 -28.93 -8.90 -15.07
N TRP A 86 -28.84 -9.80 -14.09
CA TRP A 86 -27.55 -9.97 -13.43
C TRP A 86 -26.47 -10.29 -14.43
N GLN A 87 -26.78 -11.12 -15.42
CA GLN A 87 -25.81 -11.60 -16.41
C GLN A 87 -25.34 -10.44 -17.25
N ILE A 88 -26.31 -9.62 -17.70
CA ILE A 88 -26.00 -8.41 -18.45
C ILE A 88 -25.25 -7.35 -17.60
N ILE A 89 -25.69 -7.14 -16.36
CA ILE A 89 -25.00 -6.16 -15.46
C ILE A 89 -23.55 -6.57 -15.14
N THR A 90 -23.30 -7.88 -15.10
CA THR A 90 -21.95 -8.40 -14.90
C THR A 90 -21.08 -8.09 -16.12
N ILE A 91 -21.63 -8.26 -17.33
CA ILE A 91 -20.91 -7.89 -18.54
C ILE A 91 -20.60 -6.38 -18.49
N CYS A 92 -21.62 -5.56 -18.16
CA CYS A 92 -21.42 -4.12 -18.05
C CYS A 92 -20.40 -3.79 -17.01
N ALA A 93 -20.42 -4.50 -15.88
CA ALA A 93 -19.45 -4.24 -14.79
C ALA A 93 -18.00 -4.50 -15.24
N THR A 94 -17.78 -5.67 -15.81
CA THR A 94 -16.51 -6.10 -16.37
C THR A 94 -16.02 -5.13 -17.42
N GLY A 95 -16.90 -4.73 -18.31
CA GLY A 95 -16.60 -3.67 -19.31
C GLY A 95 -16.20 -2.33 -18.69
N ALA A 96 -16.95 -1.89 -17.67
CA ALA A 96 -16.59 -0.65 -16.97
C ALA A 96 -15.26 -0.76 -16.23
N PHE A 97 -14.98 -1.90 -15.59
CA PHE A 97 -13.72 -1.99 -14.83
C PHE A 97 -12.52 -2.00 -15.79
N VAL A 98 -12.61 -2.79 -16.86
CA VAL A 98 -11.52 -3.01 -17.78
C VAL A 98 -11.34 -1.73 -18.57
N SER A 99 -12.43 -1.10 -18.95
CA SER A 99 -12.36 0.23 -19.52
C SER A 99 -11.71 1.21 -18.53
N TRP A 100 -11.92 1.05 -17.23
CA TRP A 100 -11.28 2.00 -16.29
C TRP A 100 -9.76 1.77 -16.24
N ALA A 101 -9.36 0.50 -16.31
CA ALA A 101 -7.94 0.17 -16.27
C ALA A 101 -7.26 0.75 -17.56
N LEU A 102 -7.93 0.64 -18.72
CA LEU A 102 -7.34 1.05 -19.97
C LEU A 102 -7.30 2.58 -20.05
N ARG A 103 -8.28 3.24 -19.42
CA ARG A 103 -8.24 4.71 -19.31
C ARG A 103 -7.03 5.08 -18.49
N GLU A 104 -6.80 4.36 -17.40
CA GLU A 104 -5.61 4.61 -16.58
C GLU A 104 -4.29 4.48 -17.37
N VAL A 105 -4.24 3.50 -18.28
CA VAL A 105 -3.08 3.28 -19.17
C VAL A 105 -2.91 4.49 -20.07
N GLU A 106 -4.00 5.00 -20.64
CA GLU A 106 -3.96 6.28 -21.40
C GLU A 106 -3.43 7.46 -20.58
N ILE A 107 -3.84 7.58 -19.31
CA ILE A 107 -3.35 8.69 -18.44
C ILE A 107 -1.84 8.52 -18.15
N CYS A 108 -1.40 7.28 -17.92
CA CYS A 108 0.04 7.02 -17.77
C CYS A 108 0.85 7.43 -18.98
N ARG A 109 0.35 7.12 -20.17
CA ARG A 109 1.06 7.41 -21.42
C ARG A 109 1.20 8.92 -21.61
N LYS A 110 0.16 9.66 -21.26
CA LYS A 110 0.20 11.10 -21.41
C LYS A 110 1.18 11.71 -20.38
N LEU A 111 1.23 11.13 -19.19
CA LEU A 111 2.08 11.64 -18.11
C LEU A 111 3.51 11.13 -18.10
N GLY A 112 3.82 10.18 -18.98
CA GLY A 112 5.13 9.56 -19.04
C GLY A 112 5.50 8.73 -17.81
N ILE A 113 4.50 8.12 -17.16
CA ILE A 113 4.81 7.35 -15.91
C ILE A 113 4.68 5.89 -16.18
N GLY A 114 5.15 5.06 -15.23
CA GLY A 114 5.03 3.61 -15.36
C GLY A 114 3.60 3.18 -15.27
N TYR A 115 3.33 1.95 -15.72
CA TYR A 115 1.96 1.37 -15.70
C TYR A 115 1.60 0.61 -14.46
N HIS A 116 2.29 0.84 -13.35
CA HIS A 116 2.10 -0.01 -12.15
C HIS A 116 0.67 0.08 -11.57
N ILE A 117 0.05 1.24 -11.63
CA ILE A 117 -1.29 1.37 -11.09
C ILE A 117 -2.36 0.48 -11.78
N PRO A 118 -2.63 0.67 -13.08
CA PRO A 118 -3.59 -0.21 -13.77
C PRO A 118 -3.25 -1.69 -13.68
N PHE A 119 -1.99 -2.03 -13.66
CA PHE A 119 -1.57 -3.35 -13.43
C PHE A 119 -2.07 -3.81 -12.05
N ALA A 120 -1.90 -2.97 -11.04
CA ALA A 120 -2.34 -3.28 -9.70
C ALA A 120 -3.82 -3.48 -9.72
N PHE A 121 -4.51 -2.53 -10.35
CA PHE A 121 -5.94 -2.59 -10.37
C PHE A 121 -6.40 -3.91 -11.05
N ALA A 122 -5.71 -4.34 -12.11
CA ALA A 122 -6.11 -5.55 -12.81
C ALA A 122 -6.21 -6.76 -11.83
N PHE A 123 -5.48 -6.74 -10.71
CA PHE A 123 -5.63 -7.83 -9.71
C PHE A 123 -6.99 -7.74 -9.05
N ALA A 124 -7.43 -6.55 -8.68
CA ALA A 124 -8.79 -6.45 -8.14
C ALA A 124 -9.85 -7.01 -9.14
N ILE A 125 -9.73 -6.63 -10.40
CA ILE A 125 -10.66 -7.08 -11.45
C ILE A 125 -10.59 -8.60 -11.54
N LEU A 126 -9.39 -9.17 -11.48
CA LEU A 126 -9.28 -10.61 -11.50
C LEU A 126 -10.00 -11.30 -10.31
N ALA A 127 -9.98 -10.67 -9.14
CA ALA A 127 -10.65 -11.21 -7.95
C ALA A 127 -12.14 -11.23 -8.22
N TYR A 128 -12.65 -10.08 -8.65
CA TYR A 128 -14.03 -9.97 -9.09
C TYR A 128 -14.38 -11.06 -10.12
N LEU A 129 -13.62 -11.14 -11.21
CA LEU A 129 -13.94 -12.14 -12.23
C LEU A 129 -13.82 -13.58 -11.71
N THR A 130 -12.94 -13.82 -10.73
CA THR A 130 -12.91 -15.11 -10.09
C THR A 130 -14.30 -15.40 -9.50
N LEU A 131 -14.86 -14.46 -8.75
CA LEU A 131 -16.12 -14.72 -8.07
C LEU A 131 -17.33 -14.82 -8.97
N VAL A 132 -17.39 -13.99 -10.02
CA VAL A 132 -18.55 -13.95 -10.91
C VAL A 132 -18.37 -14.71 -12.21
N LEU A 133 -17.16 -15.03 -12.62
CA LEU A 133 -17.01 -15.69 -13.90
C LEU A 133 -16.24 -16.99 -13.82
N PHE A 134 -15.01 -16.99 -13.33
CA PHE A 134 -14.19 -18.20 -13.45
C PHE A 134 -14.73 -19.30 -12.56
N ARG A 135 -15.13 -18.93 -11.34
CA ARG A 135 -15.58 -19.89 -10.38
C ARG A 135 -16.95 -20.45 -10.80
N PRO A 136 -17.94 -19.58 -11.05
CA PRO A 136 -19.16 -20.10 -11.65
C PRO A 136 -18.91 -21.02 -12.88
N VAL A 137 -18.09 -20.61 -13.85
CA VAL A 137 -17.95 -21.42 -15.05
C VAL A 137 -17.38 -22.79 -14.68
N MET A 138 -16.36 -22.81 -13.82
CA MET A 138 -15.75 -24.09 -13.45
C MET A 138 -16.72 -24.96 -12.67
N MET A 139 -17.58 -24.33 -11.87
CA MET A 139 -18.57 -25.07 -11.07
C MET A 139 -19.84 -25.43 -11.84
N GLY A 140 -20.02 -24.86 -13.03
CA GLY A 140 -21.14 -25.21 -13.92
C GLY A 140 -22.41 -24.37 -13.83
N ALA A 141 -22.41 -23.23 -13.12
CA ALA A 141 -23.64 -22.42 -13.03
C ALA A 141 -23.38 -21.02 -12.56
N TRP A 142 -24.15 -20.06 -13.09
CA TRP A 142 -24.04 -18.66 -12.73
C TRP A 142 -24.57 -18.36 -11.34
N GLY A 143 -25.43 -19.25 -10.85
CA GLY A 143 -25.99 -19.17 -9.50
C GLY A 143 -24.99 -19.19 -8.35
N TYR A 144 -23.78 -19.67 -8.59
CA TYR A 144 -22.74 -19.68 -7.54
C TYR A 144 -22.03 -18.32 -7.38
N ALA A 145 -22.32 -17.41 -8.31
CA ALA A 145 -21.81 -16.06 -8.19
C ALA A 145 -22.59 -15.34 -7.10
N PHE A 146 -22.04 -14.22 -6.62
CA PHE A 146 -22.68 -13.44 -5.58
C PHE A 146 -23.64 -12.48 -6.18
N PRO A 147 -24.73 -12.18 -5.46
CA PRO A 147 -25.76 -11.27 -5.90
C PRO A 147 -25.29 -9.87 -5.60
N TYR A 148 -25.80 -8.89 -6.35
CA TYR A 148 -25.42 -7.47 -6.13
C TYR A 148 -26.40 -6.79 -5.22
N GLY A 149 -26.09 -6.81 -3.95
CA GLY A 149 -26.85 -6.07 -2.96
C GLY A 149 -26.00 -5.86 -1.72
N ILE A 150 -26.26 -4.76 -1.01
CA ILE A 150 -25.40 -4.34 0.05
C ILE A 150 -25.27 -5.44 1.11
N TRP A 151 -26.41 -5.95 1.53
CA TRP A 151 -26.47 -7.04 2.53
C TRP A 151 -26.54 -8.42 1.92
N THR A 152 -27.25 -8.56 0.80
CA THR A 152 -27.42 -9.90 0.23
C THR A 152 -26.07 -10.50 -0.15
N HIS A 153 -25.09 -9.67 -0.54
CA HIS A 153 -23.78 -10.25 -0.88
C HIS A 153 -23.05 -10.77 0.33
N LEU A 154 -23.31 -10.18 1.50
CA LEU A 154 -22.82 -10.67 2.78
C LEU A 154 -23.46 -12.00 3.19
N ASP A 155 -24.79 -12.12 3.02
CA ASP A 155 -25.44 -13.38 3.06
C ASP A 155 -24.67 -14.41 2.19
N TRP A 156 -24.37 -14.06 0.93
CA TRP A 156 -23.72 -15.01 0.04
C TRP A 156 -22.36 -15.41 0.60
N VAL A 157 -21.67 -14.44 1.21
CA VAL A 157 -20.34 -14.72 1.77
C VAL A 157 -20.46 -15.77 2.90
N SER A 158 -21.35 -15.49 3.84
CA SER A 158 -21.57 -16.38 4.94
C SER A 158 -22.05 -17.80 4.52
N ASN A 159 -23.09 -17.85 3.71
CA ASN A 159 -23.55 -19.11 3.16
C ASN A 159 -22.52 -19.89 2.41
N THR A 160 -21.72 -19.19 1.61
CA THR A 160 -20.72 -19.86 0.82
C THR A 160 -19.67 -20.42 1.76
N GLY A 161 -19.32 -19.65 2.78
CA GLY A 161 -18.28 -20.07 3.72
C GLY A 161 -18.71 -21.32 4.48
N TYR A 162 -19.92 -21.27 5.04
CA TYR A 162 -20.41 -22.36 5.88
C TYR A 162 -20.71 -23.67 5.13
N THR A 163 -20.90 -23.60 3.83
CA THR A 163 -20.96 -24.77 3.00
C THR A 163 -19.72 -25.66 3.21
N TYR A 164 -18.59 -25.04 3.55
CA TYR A 164 -17.35 -25.78 3.74
C TYR A 164 -16.89 -25.82 5.20
N GLY A 165 -17.84 -25.68 6.11
CA GLY A 165 -17.54 -25.66 7.52
C GLY A 165 -17.09 -24.27 7.94
N ASN A 166 -16.15 -24.22 8.88
CA ASN A 166 -15.48 -22.96 9.20
C ASN A 166 -14.44 -22.67 8.12
N PHE A 167 -14.68 -21.63 7.32
CA PHE A 167 -13.83 -21.34 6.15
C PHE A 167 -12.43 -20.97 6.51
N HIS A 168 -12.22 -20.66 7.80
CA HIS A 168 -10.93 -20.35 8.34
C HIS A 168 -9.93 -21.40 7.94
N TYR A 169 -10.39 -22.64 7.81
CA TYR A 169 -9.51 -23.74 7.59
C TYR A 169 -9.06 -23.89 6.15
N ASN A 170 -9.52 -23.02 5.25
CA ASN A 170 -9.00 -22.98 3.90
C ASN A 170 -7.58 -22.43 3.99
N PRO A 171 -6.58 -23.22 3.59
CA PRO A 171 -5.18 -22.81 3.79
C PRO A 171 -4.74 -21.63 2.92
N ALA A 172 -5.23 -21.53 1.71
CA ALA A 172 -5.01 -20.37 0.89
C ALA A 172 -5.63 -19.15 1.53
N HIS A 173 -6.75 -19.36 2.23
CA HIS A 173 -7.49 -18.25 2.89
C HIS A 173 -6.66 -17.76 4.08
N MET A 174 -6.00 -18.67 4.79
CA MET A 174 -5.11 -18.24 5.88
C MET A 174 -3.96 -17.38 5.36
N ILE A 175 -3.40 -17.75 4.21
CA ILE A 175 -2.31 -16.97 3.63
C ILE A 175 -2.84 -15.61 3.21
N ALA A 176 -4.01 -15.60 2.58
CA ALA A 176 -4.64 -14.34 2.16
C ALA A 176 -4.81 -13.39 3.35
N ILE A 177 -5.41 -13.89 4.43
CA ILE A 177 -5.65 -13.06 5.62
C ILE A 177 -4.35 -12.49 6.17
N SER A 178 -3.33 -13.34 6.20
CA SER A 178 -2.03 -12.94 6.68
C SER A 178 -1.47 -11.75 5.91
N PHE A 179 -1.59 -11.80 4.59
CA PHE A 179 -1.19 -10.71 3.73
C PHE A 179 -2.05 -9.46 4.01
N PHE A 180 -3.36 -9.59 4.14
CA PHE A 180 -4.20 -8.43 4.49
C PHE A 180 -3.76 -7.79 5.81
N PHE A 181 -3.51 -8.59 6.85
CA PHE A 181 -3.18 -7.99 8.13
C PHE A 181 -1.77 -7.38 8.07
N THR A 182 -0.86 -8.10 7.42
CA THR A 182 0.49 -7.60 7.31
C THR A 182 0.52 -6.29 6.49
N ASN A 183 -0.28 -6.24 5.43
CA ASN A 183 -0.39 -5.05 4.65
C ASN A 183 -0.85 -3.89 5.49
N ALA A 184 -1.80 -4.11 6.38
CA ALA A 184 -2.34 -3.01 7.21
C ALA A 184 -1.30 -2.61 8.21
N LEU A 185 -0.53 -3.57 8.70
CA LEU A 185 0.62 -3.30 9.61
C LEU A 185 1.63 -2.34 8.92
N ALA A 186 2.02 -2.71 7.71
CA ALA A 186 2.98 -1.99 6.90
C ALA A 186 2.48 -0.55 6.53
N LEU A 187 1.20 -0.42 6.17
CA LEU A 187 0.58 0.86 5.86
C LEU A 187 0.63 1.79 7.05
N ALA A 188 0.28 1.30 8.24
CA ALA A 188 0.37 2.07 9.51
C ALA A 188 1.78 2.52 9.73
N LEU A 189 2.71 1.55 9.65
CA LEU A 189 4.13 1.85 9.96
C LEU A 189 4.68 2.88 8.94
N HIS A 190 4.37 2.69 7.66
CA HIS A 190 4.85 3.57 6.61
C HIS A 190 4.33 5.00 6.74
N GLY A 191 3.02 5.15 6.87
CA GLY A 191 2.48 6.46 7.11
C GLY A 191 3.07 7.12 8.34
N ALA A 192 3.17 6.35 9.42
CA ALA A 192 3.66 6.89 10.68
C ALA A 192 5.12 7.29 10.53
N LEU A 193 5.89 6.51 9.76
CA LEU A 193 7.32 6.78 9.70
C LEU A 193 7.58 8.09 8.92
N VAL A 194 7.02 8.19 7.72
CA VAL A 194 7.23 9.40 6.92
C VAL A 194 6.71 10.61 7.68
N LEU A 195 5.60 10.49 8.37
CA LEU A 195 5.05 11.63 9.10
C LEU A 195 5.88 12.01 10.30
N SER A 196 6.44 11.01 11.00
CA SER A 196 7.34 11.24 12.16
C SER A 196 8.64 11.96 11.77
N ALA A 197 9.09 11.68 10.54
CA ALA A 197 10.25 12.40 10.00
C ALA A 197 9.80 13.82 9.48
N ALA A 198 8.69 13.88 8.75
CA ALA A 198 8.25 15.18 8.18
C ALA A 198 7.79 16.16 9.25
N ASN A 199 7.42 15.60 10.39
CA ASN A 199 6.79 16.32 11.51
C ASN A 199 7.48 15.95 12.83
N PRO A 200 8.68 16.42 13.01
CA PRO A 200 9.46 16.02 14.17
C PRO A 200 8.97 16.69 15.43
N GLU A 201 9.68 16.48 16.55
CA GLU A 201 9.32 17.16 17.79
C GLU A 201 9.38 18.67 17.60
N LYS A 202 8.51 19.34 18.32
CA LYS A 202 8.30 20.77 18.13
C LYS A 202 9.56 21.62 18.16
N GLY A 203 9.71 22.46 17.14
CA GLY A 203 10.84 23.39 17.04
C GLY A 203 11.98 22.84 16.21
N LYS A 204 11.96 21.53 15.92
CA LYS A 204 13.11 20.89 15.30
C LYS A 204 12.96 20.82 13.80
N GLU A 205 14.09 20.64 13.15
CA GLU A 205 14.17 20.47 11.71
C GLU A 205 13.58 19.13 11.30
N MET A 206 13.03 19.12 10.09
CA MET A 206 12.62 17.90 9.46
C MET A 206 13.76 16.89 9.55
N ARG A 207 13.41 15.62 9.77
CA ARG A 207 14.40 14.53 9.75
C ARG A 207 14.59 14.07 8.33
N THR A 208 15.48 13.10 8.15
CA THR A 208 15.99 12.64 6.87
C THR A 208 15.66 11.18 6.73
N PRO A 209 15.66 10.68 5.48
CA PRO A 209 15.46 9.26 5.35
C PRO A 209 16.45 8.51 6.17
N ASP A 210 17.63 9.06 6.42
CA ASP A 210 18.57 8.41 7.33
C ASP A 210 18.00 8.23 8.74
N HIS A 211 17.23 9.19 9.23
CA HIS A 211 16.59 9.05 10.55
C HIS A 211 15.52 7.92 10.53
N GLU A 212 14.95 7.68 9.35
CA GLU A 212 13.88 6.73 9.21
C GLU A 212 14.51 5.31 9.25
N ASP A 213 15.65 5.14 8.56
CA ASP A 213 16.39 3.89 8.60
C ASP A 213 16.82 3.65 10.02
N THR A 214 17.32 4.70 10.67
CA THR A 214 17.88 4.52 11.99
C THR A 214 16.83 4.11 12.99
N PHE A 215 15.64 4.71 12.86
CA PHE A 215 14.51 4.42 13.77
C PHE A 215 14.17 2.94 13.71
N PHE A 216 14.02 2.44 12.49
CA PHE A 216 13.65 1.03 12.33
C PHE A 216 14.75 0.02 12.72
N ARG A 217 16.01 0.42 12.52
CA ARG A 217 17.11 -0.41 12.91
C ARG A 217 17.20 -0.46 14.43
N ASP A 218 17.10 0.69 15.07
CA ASP A 218 17.07 0.74 16.52
C ASP A 218 15.92 -0.14 17.10
N LEU A 219 14.77 -0.09 16.44
CA LEU A 219 13.57 -0.77 16.92
C LEU A 219 13.56 -2.29 16.65
N VAL A 220 13.81 -2.70 15.40
CA VAL A 220 13.71 -4.11 15.05
C VAL A 220 14.97 -4.69 14.43
N GLY A 221 16.01 -3.89 14.21
CA GLY A 221 17.22 -4.44 13.66
C GLY A 221 17.26 -4.47 12.15
N TYR A 222 16.34 -3.80 11.47
CA TYR A 222 16.34 -3.89 10.03
C TYR A 222 15.53 -2.74 9.46
N SER A 223 15.97 -2.22 8.35
CA SER A 223 15.19 -1.23 7.66
C SER A 223 15.12 -1.63 6.18
N ILE A 224 13.96 -1.61 5.61
CA ILE A 224 13.81 -2.07 4.25
C ILE A 224 14.15 -0.97 3.27
N GLY A 225 14.05 0.30 3.70
CA GLY A 225 14.34 1.45 2.86
C GLY A 225 13.12 2.00 2.09
N THR A 226 13.29 3.19 1.56
CA THR A 226 12.18 3.99 1.04
C THR A 226 11.72 3.38 -0.23
N LEU A 227 12.60 2.80 -1.03
CA LEU A 227 12.14 2.11 -2.24
C LEU A 227 11.47 0.80 -1.81
N GLY A 228 12.14 0.07 -0.90
CA GLY A 228 11.68 -1.23 -0.51
C GLY A 228 10.27 -1.20 0.03
N ILE A 229 9.97 -0.17 0.82
CA ILE A 229 8.68 -0.18 1.51
C ILE A 229 7.50 -0.02 0.53
N HIS A 230 7.71 0.71 -0.55
CA HIS A 230 6.69 0.89 -1.56
C HIS A 230 6.59 -0.37 -2.40
N ARG A 231 7.71 -1.02 -2.66
CA ARG A 231 7.64 -2.32 -3.28
C ARG A 231 6.85 -3.32 -2.36
N LEU A 232 7.09 -3.23 -1.04
CA LEU A 232 6.52 -4.14 -0.08
C LEU A 232 4.99 -4.00 -0.02
N GLY A 233 4.53 -2.76 0.17
CA GLY A 233 3.10 -2.47 0.19
C GLY A 233 2.42 -2.95 -1.07
N LEU A 234 2.98 -2.67 -2.24
CA LEU A 234 2.43 -3.21 -3.46
C LEU A 234 2.39 -4.75 -3.44
N LEU A 235 3.44 -5.40 -3.02
CA LEU A 235 3.49 -6.87 -2.99
C LEU A 235 2.48 -7.45 -1.97
N LEU A 236 2.37 -6.84 -0.78
CA LEU A 236 1.57 -7.41 0.25
C LEU A 236 0.10 -7.36 -0.19
N SER A 237 -0.29 -6.19 -0.70
CA SER A 237 -1.64 -5.95 -1.08
C SER A 237 -2.02 -6.80 -2.29
N LEU A 238 -1.16 -6.87 -3.30
CA LEU A 238 -1.46 -7.76 -4.41
C LEU A 238 -1.43 -9.24 -4.03
N SER A 239 -0.56 -9.62 -3.11
CA SER A 239 -0.48 -11.01 -2.71
C SER A 239 -1.75 -11.34 -1.96
N ALA A 240 -2.19 -10.42 -1.13
CA ALA A 240 -3.48 -10.59 -0.45
C ALA A 240 -4.62 -10.94 -1.42
N VAL A 241 -4.68 -10.24 -2.52
CA VAL A 241 -5.79 -10.45 -3.47
C VAL A 241 -5.52 -11.67 -4.30
N PHE A 242 -4.27 -11.95 -4.63
CA PHE A 242 -3.95 -13.16 -5.38
C PHE A 242 -4.42 -14.43 -4.60
N PHE A 243 -4.04 -14.49 -3.32
CA PHE A 243 -4.41 -15.60 -2.49
C PHE A 243 -5.94 -15.65 -2.23
N SER A 244 -6.58 -14.50 -2.32
CA SER A 244 -8.02 -14.48 -2.14
C SER A 244 -8.65 -15.19 -3.34
N ALA A 245 -8.31 -14.70 -4.53
CA ALA A 245 -8.75 -15.34 -5.76
C ALA A 245 -8.44 -16.84 -5.74
N LEU A 246 -7.25 -17.19 -5.29
CA LEU A 246 -6.82 -18.58 -5.29
C LEU A 246 -7.74 -19.38 -4.35
N CYS A 247 -7.99 -18.84 -3.16
CA CYS A 247 -8.64 -19.62 -2.15
C CYS A 247 -10.08 -19.87 -2.54
N MET A 248 -10.63 -19.00 -3.37
CA MET A 248 -11.99 -19.26 -3.84
C MET A 248 -12.01 -20.15 -5.09
N ILE A 249 -11.05 -19.95 -5.98
CA ILE A 249 -11.05 -20.70 -7.24
C ILE A 249 -10.92 -22.21 -6.98
N ILE A 250 -10.18 -22.59 -5.91
CA ILE A 250 -10.05 -23.99 -5.49
C ILE A 250 -11.25 -24.56 -4.74
N THR A 251 -12.19 -23.70 -4.32
CA THR A 251 -13.23 -24.11 -3.40
C THR A 251 -14.50 -24.33 -4.18
N GLY A 252 -15.04 -25.55 -4.13
CA GLY A 252 -16.16 -25.91 -4.98
C GLY A 252 -15.68 -26.55 -6.27
N THR A 253 -14.38 -26.75 -6.43
CA THR A 253 -13.85 -27.21 -7.70
C THR A 253 -12.85 -28.29 -7.40
N ILE A 254 -11.64 -27.96 -6.97
CA ILE A 254 -10.71 -29.01 -6.63
C ILE A 254 -11.00 -29.52 -5.20
N TRP A 255 -11.45 -28.65 -4.30
CA TRP A 255 -11.85 -29.07 -2.94
C TRP A 255 -13.27 -28.58 -2.64
N PHE A 256 -14.12 -29.47 -2.11
CA PHE A 256 -15.53 -29.12 -1.89
C PHE A 256 -16.12 -29.71 -0.62
N ASP A 257 -15.26 -30.30 0.21
CA ASP A 257 -15.73 -30.95 1.43
C ASP A 257 -15.48 -29.93 2.57
N GLN A 258 -15.52 -30.37 3.84
CA GLN A 258 -15.27 -29.46 4.94
C GLN A 258 -13.80 -29.12 4.94
N TRP A 259 -13.46 -27.84 4.89
CA TRP A 259 -12.05 -27.46 4.94
C TRP A 259 -11.26 -27.96 6.15
N VAL A 260 -11.90 -28.15 7.30
CA VAL A 260 -11.16 -28.62 8.46
C VAL A 260 -10.55 -29.98 8.11
N ASP A 261 -11.26 -30.76 7.32
CA ASP A 261 -10.82 -32.12 7.04
C ASP A 261 -9.62 -32.19 6.11
N TRP A 262 -9.34 -31.12 5.37
CA TRP A 262 -8.17 -31.10 4.52
C TRP A 262 -6.91 -31.36 5.32
N TRP A 263 -6.86 -30.84 6.54
CA TRP A 263 -5.66 -30.88 7.35
C TRP A 263 -5.29 -32.27 7.80
N GLN A 264 -6.19 -33.24 7.62
CA GLN A 264 -5.85 -34.61 7.97
C GLN A 264 -4.67 -35.20 7.17
N TRP A 265 -4.37 -34.70 5.97
CA TRP A 265 -3.24 -35.25 5.20
C TRP A 265 -1.95 -35.19 6.03
N TRP A 266 -1.78 -34.08 6.74
CA TRP A 266 -0.63 -33.89 7.59
C TRP A 266 -0.63 -34.79 8.77
N VAL A 267 -1.77 -34.90 9.46
CA VAL A 267 -1.88 -35.74 10.66
C VAL A 267 -1.73 -37.22 10.33
N LYS A 268 -2.07 -37.61 9.11
CA LYS A 268 -2.01 -39.01 8.75
C LYS A 268 -0.72 -39.42 8.03
N LEU A 269 0.25 -38.51 7.88
CA LEU A 269 1.55 -38.96 7.38
C LEU A 269 1.97 -40.16 8.24
N PRO A 270 2.52 -41.23 7.58
CA PRO A 270 2.58 -42.57 8.17
C PRO A 270 3.58 -42.73 9.32
N TRP A 271 4.63 -41.90 9.36
CA TRP A 271 5.58 -41.98 10.48
C TRP A 271 4.89 -41.65 11.80
N TRP A 272 4.24 -40.49 11.90
CA TRP A 272 3.52 -40.19 13.14
C TRP A 272 2.04 -40.56 13.14
N ALA A 273 1.48 -40.97 12.01
CA ALA A 273 0.05 -41.29 11.98
C ALA A 273 -0.42 -42.11 13.20
N ASN A 274 0.30 -43.18 13.58
CA ASN A 274 -0.19 -44.09 14.62
C ASN A 274 0.45 -43.99 16.02
N ILE A 275 1.11 -42.86 16.33
CA ILE A 275 1.75 -42.70 17.64
C ILE A 275 0.72 -42.22 18.66
N PRO A 276 0.53 -42.93 19.79
CA PRO A 276 -0.54 -42.47 20.69
C PRO A 276 -0.22 -41.16 21.42
N GLY A 277 -1.25 -40.52 21.98
CA GLY A 277 -1.11 -39.27 22.71
C GLY A 277 -1.45 -38.06 21.84
N GLY A 278 -0.94 -36.89 22.23
CA GLY A 278 -1.31 -35.65 21.56
C GLY A 278 -2.82 -35.48 21.48
N ILE A 279 -3.27 -34.61 20.59
CA ILE A 279 -4.68 -34.35 20.42
C ILE A 279 -5.32 -35.44 19.56
N ASN A 280 -4.58 -35.93 18.57
CA ASN A 280 -5.09 -36.79 17.51
C ASN A 280 -4.68 -38.25 17.64
N GLY A 281 -4.54 -38.73 18.86
CA GLY A 281 -4.24 -40.15 19.13
C GLY A 281 -4.62 -40.52 20.56
N ALA B 1 10.56 -5.61 -22.23
CA ALA B 1 9.76 -4.86 -21.18
C ALA B 1 10.56 -3.62 -20.76
N GLU B 2 10.00 -2.45 -20.53
CA GLU B 2 10.52 -1.56 -19.50
C GLU B 2 10.86 -2.33 -18.23
N TYR B 3 11.99 -1.89 -17.76
CA TYR B 3 12.28 -2.18 -16.35
C TYR B 3 11.15 -1.68 -15.47
N GLN B 4 10.66 -2.51 -14.56
CA GLN B 4 9.56 -2.09 -13.69
C GLN B 4 9.95 -1.67 -12.28
N ASN B 5 11.20 -1.83 -11.88
CA ASN B 5 11.64 -1.40 -10.54
C ASN B 5 11.01 -2.12 -9.33
N ILE B 6 10.65 -3.39 -9.51
CA ILE B 6 10.24 -4.26 -8.44
C ILE B 6 11.43 -4.94 -7.79
N PHE B 7 12.38 -5.37 -8.60
CA PHE B 7 13.68 -5.82 -8.12
C PHE B 7 14.74 -4.93 -8.75
N SER B 8 15.84 -4.76 -8.05
CA SER B 8 16.93 -3.95 -8.52
C SER B 8 17.75 -4.70 -9.54
N GLN B 9 18.26 -3.97 -10.52
CA GLN B 9 19.14 -4.58 -11.55
C GLN B 9 20.57 -4.73 -11.07
N VAL B 10 21.08 -3.76 -10.34
CA VAL B 10 22.47 -3.76 -9.81
C VAL B 10 22.44 -3.43 -8.32
N GLN B 11 23.10 -4.21 -7.50
CA GLN B 11 23.25 -3.81 -6.10
C GLN B 11 24.61 -3.13 -5.88
N VAL B 12 24.58 -2.06 -5.08
CA VAL B 12 25.83 -1.44 -4.65
C VAL B 12 25.88 -1.57 -3.15
N ARG B 13 27.11 -1.69 -2.65
CA ARG B 13 27.33 -1.69 -1.24
C ARG B 13 28.47 -0.75 -0.82
N GLY B 14 28.33 -0.16 0.36
CA GLY B 14 29.36 0.69 0.94
C GLY B 14 29.61 0.32 2.38
N PRO B 15 30.40 1.14 3.10
CA PRO B 15 30.61 0.96 4.52
C PRO B 15 29.27 0.84 5.26
N ALA B 16 29.23 -0.03 6.26
CA ALA B 16 28.01 -0.28 7.00
C ALA B 16 27.49 1.06 7.55
N ASP B 17 26.19 1.27 7.40
CA ASP B 17 25.60 2.48 7.88
C ASP B 17 25.19 2.32 9.33
N LEU B 18 25.90 3.02 10.21
CA LEU B 18 25.71 2.88 11.65
C LEU B 18 24.60 3.82 12.15
N GLY B 19 24.10 4.71 11.31
CA GLY B 19 22.91 5.45 11.67
C GLY B 19 23.14 6.83 12.25
N MET B 20 22.06 7.58 12.44
CA MET B 20 22.16 8.90 13.02
C MET B 20 22.27 8.74 14.52
N THR B 21 22.89 9.71 15.17
CA THR B 21 23.17 9.61 16.58
C THR B 21 22.10 10.37 17.35
N GLU B 22 21.86 11.62 16.97
CA GLU B 22 21.03 12.55 17.75
C GLU B 22 21.26 12.31 19.25
N ASP B 23 20.20 11.98 20.01
CA ASP B 23 20.35 11.76 21.45
C ASP B 23 20.39 10.28 21.86
N VAL B 24 20.62 9.40 20.90
CA VAL B 24 20.60 7.98 21.19
C VAL B 24 21.80 7.63 22.01
N ASN B 25 21.59 6.78 23.00
CA ASN B 25 22.70 6.24 23.77
C ASN B 25 23.43 5.15 23.00
N LEU B 26 24.53 5.51 22.34
CA LEU B 26 25.30 4.57 21.49
C LEU B 26 25.83 3.30 22.18
N ALA B 27 25.92 3.31 23.52
CA ALA B 27 26.38 2.12 24.27
C ALA B 27 25.43 0.94 24.06
N ASN B 28 24.14 1.26 23.90
CA ASN B 28 23.11 0.25 23.70
C ASN B 28 22.89 -0.22 22.21
N ARG B 29 23.66 0.23 21.21
CA ARG B 29 23.45 -0.27 19.84
C ARG B 29 24.42 -1.36 19.54
N SER B 30 23.96 -2.50 19.09
CA SER B 30 24.83 -3.54 18.56
C SER B 30 25.77 -3.01 17.46
N GLY B 31 26.70 -3.87 17.05
CA GLY B 31 27.39 -3.67 15.78
C GLY B 31 26.47 -4.11 14.67
N VAL B 32 26.85 -3.81 13.44
CA VAL B 32 26.06 -4.23 12.30
C VAL B 32 26.02 -5.72 12.18
N GLY B 33 24.95 -6.26 11.63
CA GLY B 33 24.89 -7.69 11.34
C GLY B 33 25.45 -7.91 9.98
N PRO B 34 25.19 -9.07 9.38
CA PRO B 34 25.63 -9.36 8.03
C PRO B 34 24.84 -8.64 6.97
N PHE B 35 25.29 -8.75 5.73
CA PHE B 35 24.58 -8.22 4.58
C PHE B 35 23.95 -9.36 3.79
N SER B 36 22.70 -9.19 3.37
CA SER B 36 22.03 -10.22 2.62
C SER B 36 21.80 -9.73 1.22
N THR B 37 22.57 -10.29 0.30
CA THR B 37 22.41 -10.03 -1.12
C THR B 37 21.01 -10.39 -1.61
N LEU B 38 20.41 -11.40 -1.00
CA LEU B 38 19.06 -11.79 -1.34
C LEU B 38 18.08 -10.73 -0.99
N LEU B 39 18.05 -10.26 0.27
CA LEU B 39 17.13 -9.12 0.64
C LEU B 39 17.41 -7.93 -0.29
N GLY B 40 18.69 -7.70 -0.55
CA GLY B 40 19.14 -6.62 -1.43
C GLY B 40 18.52 -6.52 -2.83
N TRP B 41 18.02 -7.61 -3.41
CA TRP B 41 17.33 -7.44 -4.68
C TRP B 41 16.05 -6.68 -4.50
N PHE B 42 15.50 -6.65 -3.29
CA PHE B 42 14.16 -6.10 -3.07
C PHE B 42 14.16 -4.84 -2.17
N GLY B 43 14.94 -4.90 -1.10
CA GLY B 43 15.11 -3.79 -0.18
C GLY B 43 16.59 -3.62 0.15
N ASN B 44 16.86 -3.13 1.36
CA ASN B 44 18.17 -3.01 1.90
C ASN B 44 18.79 -4.33 2.27
N ALA B 45 20.09 -4.45 1.97
CA ALA B 45 20.87 -5.67 2.23
C ALA B 45 21.36 -5.76 3.68
N GLN B 46 21.49 -4.62 4.32
CA GLN B 46 22.11 -4.53 5.62
C GLN B 46 21.21 -5.00 6.75
N LEU B 47 21.74 -5.83 7.64
CA LEU B 47 21.03 -6.22 8.83
C LEU B 47 21.70 -5.57 10.04
N GLY B 48 20.90 -5.19 11.03
CA GLY B 48 21.41 -4.45 12.18
C GLY B 48 21.94 -3.10 11.79
N PRO B 49 22.48 -2.36 12.77
CA PRO B 49 22.50 -2.70 14.16
C PRO B 49 21.12 -2.56 14.80
N ILE B 50 20.98 -3.08 16.01
CA ILE B 50 19.74 -2.94 16.76
C ILE B 50 20.06 -2.23 18.06
N TYR B 51 19.09 -1.50 18.57
CA TYR B 51 19.21 -0.84 19.84
C TYR B 51 18.61 -1.77 20.86
N LEU B 52 19.32 -2.08 21.92
CA LEU B 52 18.72 -2.84 22.98
C LEU B 52 19.13 -2.28 24.33
N GLY B 53 18.35 -1.36 24.87
CA GLY B 53 18.51 -0.97 26.27
C GLY B 53 17.71 -1.88 27.20
N SER B 54 17.48 -1.42 28.42
CA SER B 54 16.82 -2.24 29.48
C SER B 54 15.35 -2.54 29.22
N LEU B 55 14.64 -1.58 28.67
CA LEU B 55 13.26 -1.81 28.26
C LEU B 55 13.19 -2.84 27.10
N GLY B 56 14.15 -2.79 26.18
CA GLY B 56 14.22 -3.82 25.17
C GLY B 56 14.51 -5.20 25.74
N VAL B 57 15.38 -5.29 26.73
CA VAL B 57 15.73 -6.60 27.31
C VAL B 57 14.52 -7.15 28.02
N LEU B 58 13.81 -6.27 28.72
CA LEU B 58 12.60 -6.69 29.41
C LEU B 58 11.58 -7.26 28.42
N SER B 59 11.29 -6.51 27.37
CA SER B 59 10.29 -6.90 26.37
C SER B 59 10.64 -8.23 25.69
N LEU B 60 11.87 -8.34 25.19
CA LEU B 60 12.37 -9.60 24.63
C LEU B 60 12.22 -10.75 25.61
N PHE B 61 12.78 -10.58 26.81
CA PHE B 61 12.75 -11.65 27.80
C PHE B 61 11.32 -12.08 28.11
N SER B 62 10.45 -11.08 28.23
CA SER B 62 9.07 -11.34 28.64
C SER B 62 8.36 -12.01 27.47
N GLY B 63 8.68 -11.54 26.28
CA GLY B 63 8.15 -12.14 25.09
C GLY B 63 8.55 -13.58 24.97
N LEU B 64 9.82 -13.89 25.22
CA LEU B 64 10.30 -15.28 25.17
C LEU B 64 9.62 -16.16 26.22
N MET B 65 9.38 -15.61 27.41
CA MET B 65 8.71 -16.36 28.47
C MET B 65 7.24 -16.71 28.17
N TRP B 66 6.58 -15.80 27.48
CA TRP B 66 5.27 -16.04 26.95
C TRP B 66 5.33 -17.24 26.02
N PHE B 67 6.27 -17.14 25.08
CA PHE B 67 6.46 -18.18 24.10
C PHE B 67 6.87 -19.51 24.74
N PHE B 68 7.71 -19.49 25.78
CA PHE B 68 8.03 -20.78 26.39
C PHE B 68 6.89 -21.31 27.24
N THR B 69 6.03 -20.44 27.79
CA THR B 69 4.91 -20.91 28.63
C THR B 69 3.91 -21.73 27.80
N ILE B 70 3.65 -21.26 26.60
CA ILE B 70 2.77 -21.93 25.65
C ILE B 70 3.47 -23.21 25.16
N GLY B 71 4.74 -23.05 24.76
CA GLY B 71 5.57 -24.16 24.29
C GLY B 71 5.61 -25.34 25.24
N ILE B 72 5.86 -25.08 26.51
CA ILE B 72 5.93 -26.11 27.51
C ILE B 72 4.55 -26.77 27.65
N TRP B 73 3.48 -25.98 27.62
CA TRP B 73 2.14 -26.58 27.69
C TRP B 73 1.92 -27.52 26.49
N PHE B 74 2.28 -27.07 25.28
CA PHE B 74 2.13 -27.89 24.09
C PHE B 74 2.89 -29.20 24.20
N TRP B 75 4.18 -29.12 24.52
CA TRP B 75 5.01 -30.32 24.70
C TRP B 75 4.35 -31.30 25.68
N TYR B 76 3.80 -30.77 26.77
CA TYR B 76 3.01 -31.55 27.69
C TYR B 76 1.77 -32.18 27.03
N GLN B 77 1.01 -31.40 26.28
CA GLN B 77 -0.14 -31.94 25.53
C GLN B 77 0.33 -33.07 24.58
N ALA B 78 1.52 -32.89 24.03
CA ALA B 78 2.13 -33.88 23.14
C ALA B 78 2.70 -35.13 23.85
N GLY B 79 2.51 -35.25 25.16
CA GLY B 79 3.15 -36.34 25.93
C GLY B 79 4.65 -36.35 25.68
N TRP B 80 5.27 -35.17 25.71
CA TRP B 80 6.72 -35.04 25.56
C TRP B 80 7.29 -35.80 24.35
N ASN B 81 6.50 -35.97 23.29
CA ASN B 81 6.96 -36.76 22.15
C ASN B 81 7.02 -35.89 20.91
N PRO B 82 8.25 -35.64 20.41
CA PRO B 82 8.47 -34.65 19.34
C PRO B 82 7.78 -34.99 18.02
N ALA B 83 7.55 -36.28 17.80
CA ALA B 83 6.81 -36.77 16.65
C ALA B 83 5.37 -36.24 16.72
N VAL B 84 4.74 -36.46 17.87
CA VAL B 84 3.41 -35.98 18.17
C VAL B 84 3.33 -34.45 18.26
N PHE B 85 4.39 -33.81 18.76
CA PHE B 85 4.44 -32.34 18.81
C PHE B 85 4.29 -31.71 17.43
N LEU B 86 5.06 -32.19 16.46
CA LEU B 86 5.01 -31.65 15.08
C LEU B 86 3.65 -32.02 14.45
N ARG B 87 3.20 -33.25 14.73
CA ARG B 87 1.98 -33.75 14.10
C ARG B 87 0.80 -32.87 14.51
N ASP B 88 0.61 -32.70 15.81
CA ASP B 88 -0.54 -32.01 16.37
C ASP B 88 -0.30 -30.53 16.73
N LEU B 89 0.73 -29.89 16.19
CA LEU B 89 1.15 -28.54 16.60
C LEU B 89 0.02 -27.47 16.50
N PHE B 90 -0.74 -27.54 15.43
CA PHE B 90 -1.84 -26.59 15.16
C PHE B 90 -3.09 -26.89 15.99
N PHE B 91 -3.11 -28.05 16.63
CA PHE B 91 -4.25 -28.51 17.39
C PHE B 91 -4.08 -28.27 18.86
N PHE B 92 -2.87 -27.99 19.30
CA PHE B 92 -2.63 -27.76 20.71
C PHE B 92 -3.25 -26.45 21.08
N SER B 93 -3.62 -26.32 22.35
CA SER B 93 -4.21 -25.06 22.83
C SER B 93 -3.99 -24.82 24.31
N LEU B 94 -3.51 -23.61 24.65
CA LEU B 94 -3.49 -23.16 26.05
C LEU B 94 -4.75 -22.32 26.34
N GLU B 95 -5.66 -22.89 27.13
CA GLU B 95 -7.03 -22.37 27.33
C GLU B 95 -7.16 -21.60 28.66
N PRO B 96 -7.96 -20.53 28.70
CA PRO B 96 -8.15 -19.78 29.92
C PRO B 96 -8.95 -20.55 30.96
N PRO B 97 -9.00 -20.05 32.20
CA PRO B 97 -9.78 -20.71 33.25
C PRO B 97 -11.27 -20.78 32.92
N ALA B 98 -11.91 -21.83 33.43
CA ALA B 98 -13.36 -22.03 33.28
C ALA B 98 -14.14 -20.82 33.83
N PRO B 99 -15.40 -20.65 33.38
CA PRO B 99 -16.27 -19.54 33.85
C PRO B 99 -16.42 -19.44 35.37
N GLU B 100 -16.40 -20.60 36.01
CA GLU B 100 -16.57 -20.75 37.46
C GLU B 100 -15.51 -19.99 38.30
N TYR B 101 -14.35 -19.70 37.70
CA TYR B 101 -13.27 -19.00 38.41
C TYR B 101 -13.35 -17.48 38.27
N GLY B 102 -14.36 -17.00 37.55
CA GLY B 102 -14.53 -15.56 37.32
C GLY B 102 -13.23 -14.88 36.88
N LEU B 103 -12.90 -13.77 37.56
CA LEU B 103 -11.69 -13.04 37.31
C LEU B 103 -10.64 -13.39 38.37
N SER B 104 -10.80 -14.48 39.11
CA SER B 104 -9.82 -14.82 40.14
C SER B 104 -8.59 -15.46 39.54
N PHE B 105 -7.55 -15.61 40.35
CA PHE B 105 -6.34 -16.37 39.99
C PHE B 105 -6.31 -17.75 40.66
N ALA B 106 -7.44 -18.23 41.15
CA ALA B 106 -7.47 -19.45 41.95
C ALA B 106 -7.35 -20.77 41.18
N ALA B 107 -7.39 -20.70 39.84
CA ALA B 107 -7.47 -21.88 38.99
C ALA B 107 -6.17 -22.69 39.01
N PRO B 108 -6.27 -24.03 39.02
CA PRO B 108 -5.05 -24.84 38.86
C PRO B 108 -4.23 -24.47 37.60
N LEU B 109 -2.91 -24.55 37.73
CA LEU B 109 -2.00 -24.38 36.62
C LEU B 109 -2.49 -25.08 35.35
N LYS B 110 -2.78 -26.38 35.44
CA LYS B 110 -3.18 -27.15 34.24
C LYS B 110 -4.55 -26.76 33.67
N GLU B 111 -5.27 -25.85 34.33
CA GLU B 111 -6.65 -25.57 33.98
C GLU B 111 -6.95 -24.08 34.13
N GLY B 112 -6.04 -23.23 33.68
CA GLY B 112 -6.23 -21.79 33.71
C GLY B 112 -5.00 -21.00 34.05
N GLY B 113 -4.28 -21.46 35.07
CA GLY B 113 -3.16 -20.72 35.62
C GLY B 113 -2.03 -20.42 34.65
N LEU B 114 -1.67 -21.40 33.82
CA LEU B 114 -0.64 -21.23 32.80
C LEU B 114 -1.07 -20.20 31.73
N TRP B 115 -2.37 -20.17 31.43
CA TRP B 115 -2.91 -19.19 30.50
C TRP B 115 -2.71 -17.80 31.12
N LEU B 116 -2.97 -17.68 32.42
CA LEU B 116 -2.78 -16.39 33.12
C LEU B 116 -1.32 -16.00 33.15
N ILE B 117 -0.43 -16.94 33.44
CA ILE B 117 1.01 -16.65 33.36
C ILE B 117 1.41 -16.21 31.92
N ALA B 118 0.94 -16.93 30.91
CA ALA B 118 1.28 -16.59 29.54
C ALA B 118 0.77 -15.18 29.22
N SER B 119 -0.47 -14.89 29.61
CA SER B 119 -1.03 -13.58 29.33
C SER B 119 -0.30 -12.49 30.07
N PHE B 120 0.14 -12.80 31.30
CA PHE B 120 0.94 -11.84 32.06
C PHE B 120 2.18 -11.44 31.27
N PHE B 121 2.91 -12.44 30.77
CA PHE B 121 4.15 -12.20 30.07
C PHE B 121 3.92 -11.45 28.77
N MET B 122 2.79 -11.71 28.12
CA MET B 122 2.51 -11.05 26.88
C MET B 122 2.18 -9.59 27.14
N PHE B 123 1.43 -9.35 28.22
CA PHE B 123 1.07 -7.99 28.63
C PHE B 123 2.34 -7.17 28.82
N VAL B 124 3.24 -7.65 29.63
CA VAL B 124 4.56 -6.97 29.77
C VAL B 124 5.37 -6.83 28.44
N ALA B 125 5.41 -7.85 27.58
CA ALA B 125 6.17 -7.77 26.32
C ALA B 125 5.66 -6.64 25.40
N VAL B 126 4.34 -6.60 25.21
CA VAL B 126 3.73 -5.63 24.33
C VAL B 126 3.85 -4.20 24.86
N TRP B 127 3.54 -3.99 26.13
CA TRP B 127 3.51 -2.59 26.67
C TRP B 127 4.92 -2.00 26.71
N SER B 128 5.89 -2.79 27.16
CA SER B 128 7.28 -2.33 27.13
C SER B 128 7.76 -2.13 25.70
N TRP B 129 7.29 -2.95 24.77
CA TRP B 129 7.65 -2.75 23.36
C TRP B 129 7.02 -1.44 22.86
N TRP B 130 5.81 -1.16 23.32
CA TRP B 130 5.16 0.12 23.02
C TRP B 130 6.05 1.24 23.53
N GLY B 131 6.45 1.18 24.78
CA GLY B 131 7.29 2.26 25.32
C GLY B 131 8.57 2.47 24.47
N ARG B 132 9.07 1.36 23.94
CA ARG B 132 10.25 1.38 23.13
C ARG B 132 9.97 2.06 21.78
N THR B 133 8.79 1.92 21.21
CA THR B 133 8.48 2.68 19.99
C THR B 133 8.43 4.21 20.23
N TYR B 134 8.04 4.63 21.42
CA TYR B 134 7.98 6.04 21.75
C TYR B 134 9.43 6.58 21.97
N LEU B 135 10.17 5.92 22.85
CA LEU B 135 11.48 6.31 23.28
C LEU B 135 12.54 6.35 22.14
N ARG B 136 12.51 5.38 21.21
CA ARG B 136 13.42 5.35 20.07
C ARG B 136 13.17 6.50 19.14
N ALA B 137 11.89 6.85 18.97
CA ALA B 137 11.51 8.08 18.27
C ALA B 137 12.04 9.35 19.01
N GLN B 138 11.89 9.37 20.34
CA GLN B 138 12.22 10.51 21.12
C GLN B 138 13.70 10.76 20.99
N ALA B 139 14.48 9.66 20.98
CA ALA B 139 15.94 9.79 21.04
C ALA B 139 16.44 10.36 19.70
N LEU B 140 15.70 10.15 18.65
CA LEU B 140 16.03 10.71 17.35
C LEU B 140 15.33 12.04 17.04
N GLY B 141 14.53 12.55 17.96
CA GLY B 141 13.80 13.84 17.74
C GLY B 141 12.64 13.77 16.77
N MET B 142 12.20 12.56 16.48
CA MET B 142 11.12 12.38 15.55
C MET B 142 9.77 12.44 16.27
N GLY B 143 8.73 12.64 15.47
CA GLY B 143 7.39 12.58 16.03
C GLY B 143 7.01 11.18 16.48
N LYS B 144 5.91 11.13 17.21
CA LYS B 144 5.48 9.92 17.89
C LYS B 144 4.39 9.19 17.19
N HIS B 145 4.26 9.40 15.90
CA HIS B 145 3.19 8.82 15.11
C HIS B 145 3.19 7.29 15.18
N THR B 146 4.34 6.67 15.20
CA THR B 146 4.42 5.22 15.26
C THR B 146 3.81 4.70 16.57
N ALA B 147 4.19 5.30 17.68
CA ALA B 147 3.67 4.87 18.97
C ALA B 147 2.16 5.12 19.01
N TRP B 148 1.67 6.20 18.42
CA TRP B 148 0.22 6.39 18.38
C TRP B 148 -0.43 5.38 17.52
N ALA B 149 0.16 5.08 16.38
CA ALA B 149 -0.43 4.10 15.48
C ALA B 149 -0.45 2.76 16.15
N PHE B 150 0.65 2.40 16.80
CA PHE B 150 0.77 1.08 17.49
C PHE B 150 -0.31 0.93 18.59
N LEU B 151 -0.65 2.02 19.22
CA LEU B 151 -1.66 2.00 20.24
C LEU B 151 -3.06 1.56 19.73
N SER B 152 -3.37 1.84 18.48
CA SER B 152 -4.61 1.34 17.86
C SER B 152 -4.63 -0.15 17.74
N ALA B 153 -3.48 -0.76 17.43
CA ALA B 153 -3.42 -2.22 17.38
C ALA B 153 -3.52 -2.81 18.76
N ILE B 154 -2.87 -2.15 19.74
CA ILE B 154 -2.84 -2.61 21.12
C ILE B 154 -4.25 -2.62 21.66
N TRP B 155 -5.06 -1.67 21.18
CA TRP B 155 -6.45 -1.50 21.62
C TRP B 155 -7.29 -2.78 21.31
N LEU B 156 -7.24 -3.24 20.08
CA LEU B 156 -7.98 -4.43 19.73
C LEU B 156 -7.49 -5.60 20.58
N TRP B 157 -6.19 -5.75 20.68
CA TRP B 157 -5.61 -6.81 21.49
C TRP B 157 -5.99 -6.70 22.97
N MET B 158 -5.94 -5.49 23.51
CA MET B 158 -6.33 -5.27 24.90
C MET B 158 -7.81 -5.59 25.12
N VAL B 159 -8.64 -5.16 24.17
CA VAL B 159 -10.05 -5.50 24.26
C VAL B 159 -10.30 -7.01 24.26
N LEU B 160 -9.73 -7.78 23.32
CA LEU B 160 -10.00 -9.23 23.23
C LEU B 160 -9.54 -9.99 24.48
N GLY B 161 -8.38 -9.59 25.00
CA GLY B 161 -7.69 -10.35 26.04
C GLY B 161 -7.89 -9.89 27.47
N PHE B 162 -8.13 -8.59 27.67
CA PHE B 162 -8.16 -8.00 29.00
C PHE B 162 -9.42 -7.18 29.30
N ILE B 163 -9.70 -6.13 28.55
CA ILE B 163 -10.82 -5.23 28.90
C ILE B 163 -12.15 -5.99 28.82
N ARG B 164 -12.42 -6.64 27.70
CA ARG B 164 -13.71 -7.34 27.54
C ARG B 164 -13.86 -8.47 28.54
N PRO B 165 -12.85 -9.34 28.68
CA PRO B 165 -12.99 -10.32 29.76
C PRO B 165 -13.28 -9.70 31.13
N ILE B 166 -12.60 -8.61 31.49
CA ILE B 166 -12.84 -7.97 32.80
C ILE B 166 -14.30 -7.47 32.91
N LEU B 167 -14.75 -6.72 31.90
CA LEU B 167 -16.13 -6.26 31.87
C LEU B 167 -17.13 -7.40 31.85
N MET B 168 -16.85 -8.54 31.23
CA MET B 168 -17.80 -9.69 31.31
C MET B 168 -17.72 -10.45 32.63
N GLY B 169 -16.73 -10.22 33.46
CA GLY B 169 -16.64 -10.97 34.72
C GLY B 169 -15.86 -12.29 34.73
N SER B 170 -15.24 -12.67 33.61
CA SER B 170 -14.45 -13.92 33.58
C SER B 170 -13.38 -14.03 32.51
N TRP B 171 -12.24 -14.58 32.92
CA TRP B 171 -11.14 -14.84 32.03
C TRP B 171 -11.52 -15.85 30.92
N SER B 172 -12.59 -16.61 31.12
CA SER B 172 -13.05 -17.61 30.16
C SER B 172 -13.49 -17.01 28.86
N GLU B 173 -13.75 -15.71 28.84
CA GLU B 173 -14.14 -14.99 27.63
C GLU B 173 -12.97 -14.58 26.74
N ALA B 174 -11.75 -14.65 27.26
CA ALA B 174 -10.54 -14.33 26.48
C ALA B 174 -10.19 -15.46 25.49
N VAL B 175 -9.22 -15.17 24.62
CA VAL B 175 -8.85 -16.03 23.50
C VAL B 175 -7.79 -17.04 23.94
N PRO B 176 -7.92 -18.31 23.53
CA PRO B 176 -6.89 -19.31 23.88
C PRO B 176 -5.64 -19.10 23.03
N TYR B 177 -4.52 -19.60 23.49
CA TYR B 177 -3.29 -19.57 22.70
C TYR B 177 -3.22 -20.89 21.92
N GLY B 178 -3.47 -20.82 20.61
CA GLY B 178 -3.45 -22.01 19.77
C GLY B 178 -3.82 -21.62 18.35
N ILE B 179 -3.32 -22.32 17.35
CA ILE B 179 -3.51 -21.88 15.98
C ILE B 179 -4.97 -22.15 15.60
N PHE B 180 -5.35 -23.40 15.51
CA PHE B 180 -6.75 -23.73 15.31
C PHE B 180 -7.67 -23.25 16.43
N SER B 181 -7.29 -23.40 17.70
CA SER B 181 -8.23 -23.06 18.77
C SER B 181 -8.68 -21.58 18.70
N HIS B 182 -7.81 -20.69 18.29
CA HIS B 182 -8.19 -19.27 18.24
C HIS B 182 -9.09 -18.88 17.04
N LEU B 183 -8.96 -19.63 15.95
CA LEU B 183 -9.89 -19.53 14.80
C LEU B 183 -11.29 -20.02 15.23
N ASP B 184 -11.33 -21.16 15.93
CA ASP B 184 -12.59 -21.71 16.45
C ASP B 184 -13.22 -20.68 17.35
N TRP B 185 -12.41 -20.05 18.21
CA TRP B 185 -12.89 -19.00 19.11
C TRP B 185 -13.54 -17.87 18.32
N THR B 186 -12.85 -17.40 17.29
CA THR B 186 -13.33 -16.33 16.45
C THR B 186 -14.69 -16.67 15.81
N ASN B 187 -14.81 -17.87 15.25
CA ASN B 187 -16.06 -18.32 14.64
C ASN B 187 -17.16 -18.33 15.70
N ASN B 188 -16.86 -18.98 16.82
CA ASN B 188 -17.81 -19.06 17.92
C ASN B 188 -18.22 -17.68 18.45
N PHE B 189 -17.28 -16.79 18.65
CA PHE B 189 -17.65 -15.46 19.02
C PHE B 189 -18.78 -14.80 18.12
N SER B 190 -18.68 -15.00 16.80
CA SER B 190 -19.63 -14.45 15.86
C SER B 190 -20.97 -15.13 15.98
N LEU B 191 -20.96 -16.46 16.10
CA LEU B 191 -22.21 -17.26 16.17
C LEU B 191 -23.01 -16.89 17.39
N VAL B 192 -22.31 -16.86 18.49
CA VAL B 192 -22.85 -16.58 19.79
C VAL B 192 -23.27 -15.10 19.91
N HIS B 193 -22.74 -14.19 19.10
CA HIS B 193 -23.19 -12.78 19.13
C HIS B 193 -24.10 -12.38 17.97
N GLY B 194 -24.76 -13.37 17.37
CA GLY B 194 -25.76 -13.08 16.40
C GLY B 194 -25.27 -12.74 15.03
N ASN B 195 -24.02 -13.06 14.74
CA ASN B 195 -23.38 -12.84 13.43
C ASN B 195 -22.77 -11.46 13.32
N LEU B 196 -21.45 -11.44 13.27
CA LEU B 196 -20.70 -10.22 13.40
C LEU B 196 -20.86 -9.37 12.13
N PHE B 197 -21.34 -9.97 11.04
CA PHE B 197 -21.67 -9.17 9.87
C PHE B 197 -22.74 -8.11 10.17
N TYR B 198 -23.50 -8.28 11.24
CA TYR B 198 -24.54 -7.30 11.60
C TYR B 198 -23.98 -6.25 12.55
N ASN B 199 -22.71 -6.35 12.92
CA ASN B 199 -22.07 -5.35 13.78
C ASN B 199 -21.55 -4.20 12.92
N PRO B 200 -22.08 -2.98 13.08
CA PRO B 200 -21.64 -1.93 12.15
C PRO B 200 -20.12 -1.65 12.27
N PHE B 201 -19.56 -1.78 13.47
CA PHE B 201 -18.14 -1.61 13.65
C PHE B 201 -17.28 -2.66 12.93
N HIS B 202 -17.79 -3.88 12.82
CA HIS B 202 -17.15 -4.94 12.06
C HIS B 202 -17.15 -4.61 10.56
N GLY B 203 -18.28 -4.12 10.06
CA GLY B 203 -18.38 -3.69 8.67
C GLY B 203 -17.38 -2.57 8.39
N LEU B 204 -17.30 -1.59 9.29
CA LEU B 204 -16.34 -0.52 9.16
C LEU B 204 -14.91 -1.10 9.13
N SER B 205 -14.65 -2.02 10.03
CA SER B 205 -13.32 -2.53 10.17
C SER B 205 -12.91 -3.20 8.86
N ILE B 206 -13.80 -3.99 8.29
CA ILE B 206 -13.57 -4.57 6.97
C ILE B 206 -13.31 -3.49 5.89
N ALA B 207 -14.10 -2.43 5.92
CA ALA B 207 -13.98 -1.37 4.94
C ALA B 207 -12.54 -0.82 5.01
N PHE B 208 -12.04 -0.58 6.21
CA PHE B 208 -10.70 -0.13 6.38
C PHE B 208 -9.61 -1.18 6.08
N LEU B 209 -9.89 -2.46 6.31
CA LEU B 209 -8.90 -3.48 6.08
C LEU B 209 -8.73 -3.63 4.58
N TYR B 210 -9.86 -3.74 3.87
CA TYR B 210 -9.85 -3.78 2.41
C TYR B 210 -9.24 -2.48 1.86
N GLY B 211 -9.63 -1.36 2.46
CA GLY B 211 -9.24 -0.05 2.04
C GLY B 211 -7.74 0.15 2.18
N SER B 212 -7.15 -0.43 3.24
CA SER B 212 -5.71 -0.44 3.42
C SER B 212 -5.03 -1.15 2.24
N ALA B 213 -5.62 -2.23 1.75
CA ALA B 213 -5.06 -2.93 0.61
C ALA B 213 -5.21 -2.06 -0.66
N LEU B 214 -6.40 -1.47 -0.87
CA LEU B 214 -6.64 -0.55 -1.96
C LEU B 214 -5.58 0.58 -1.94
N LEU B 215 -5.40 1.19 -0.77
CA LEU B 215 -4.65 2.36 -0.62
C LEU B 215 -3.13 2.08 -0.77
N PHE B 216 -2.66 0.97 -0.21
CA PHE B 216 -1.24 0.71 -0.30
C PHE B 216 -0.96 0.17 -1.69
N ALA B 217 -1.91 -0.52 -2.31
CA ALA B 217 -1.67 -0.88 -3.72
C ALA B 217 -1.55 0.44 -4.60
N MET B 218 -2.43 1.40 -4.35
CA MET B 218 -2.49 2.65 -5.11
C MET B 218 -1.20 3.38 -4.90
N HIS B 219 -0.82 3.55 -3.62
CA HIS B 219 0.29 4.35 -3.23
C HIS B 219 1.64 3.71 -3.66
N GLY B 220 1.83 2.42 -3.40
CA GLY B 220 3.06 1.73 -3.79
C GLY B 220 3.19 1.73 -5.30
N ALA B 221 2.10 1.45 -6.00
CA ALA B 221 2.10 1.44 -7.46
C ALA B 221 2.50 2.84 -7.93
N THR B 222 2.00 3.89 -7.26
CA THR B 222 2.18 5.28 -7.66
C THR B 222 3.65 5.71 -7.56
N ILE B 223 4.26 5.48 -6.37
CA ILE B 223 5.65 5.79 -6.09
C ILE B 223 6.54 5.01 -7.04
N LEU B 224 6.22 3.77 -7.27
CA LEU B 224 7.00 3.00 -8.22
C LEU B 224 6.85 3.58 -9.65
N ALA B 225 5.62 3.89 -10.06
CA ALA B 225 5.35 4.56 -11.36
C ALA B 225 6.10 5.90 -11.54
N VAL B 226 6.39 6.63 -10.46
CA VAL B 226 7.11 7.87 -10.59
C VAL B 226 8.51 7.73 -10.00
N SER B 227 9.00 6.50 -9.83
CA SER B 227 10.35 6.35 -9.33
C SER B 227 11.42 6.86 -10.33
N ARG B 228 11.10 6.86 -11.63
CA ARG B 228 11.93 7.43 -12.71
C ARG B 228 12.15 8.93 -12.55
N PHE B 229 11.40 9.58 -11.66
CA PHE B 229 11.69 11.00 -11.27
C PHE B 229 12.00 11.17 -9.81
N GLY B 230 12.44 10.13 -9.15
CA GLY B 230 12.85 10.19 -7.76
C GLY B 230 11.75 10.22 -6.74
N GLY B 231 10.60 9.70 -7.12
CA GLY B 231 9.40 9.81 -6.30
C GLY B 231 9.52 9.22 -4.91
N GLU B 232 10.34 8.18 -4.73
CA GLU B 232 10.37 7.53 -3.41
C GLU B 232 11.09 8.36 -2.37
N ARG B 233 11.74 9.44 -2.81
CA ARG B 233 12.38 10.36 -1.90
C ARG B 233 11.35 11.35 -1.37
N GLU B 234 10.47 10.83 -0.55
CA GLU B 234 9.24 11.51 -0.21
C GLU B 234 9.50 12.69 0.67
N LEU B 235 10.45 12.56 1.58
CA LEU B 235 10.70 13.73 2.44
C LEU B 235 11.16 14.96 1.63
N GLU B 236 11.96 14.74 0.63
CA GLU B 236 12.49 15.89 -0.09
C GLU B 236 11.42 16.39 -1.07
N GLN B 237 10.57 15.49 -1.54
CA GLN B 237 9.48 15.87 -2.38
C GLN B 237 8.49 16.69 -1.56
N ILE B 238 8.41 16.39 -0.26
CA ILE B 238 7.60 17.20 0.64
C ILE B 238 8.13 18.59 0.76
N ALA B 239 9.43 18.67 0.99
CA ALA B 239 10.12 19.94 1.23
C ALA B 239 10.25 20.79 -0.03
N ASP B 240 10.17 20.19 -1.22
CA ASP B 240 10.47 20.83 -2.50
C ASP B 240 9.83 20.02 -3.60
N ARG B 241 8.54 20.22 -3.76
CA ARG B 241 7.79 19.48 -4.77
C ARG B 241 8.50 19.31 -6.12
N GLY B 242 8.59 18.08 -6.63
CA GLY B 242 9.21 17.81 -7.92
C GLY B 242 8.22 17.25 -8.94
N THR B 243 8.67 17.03 -10.16
CA THR B 243 7.75 16.47 -11.16
C THR B 243 7.22 15.08 -10.80
N ALA B 244 7.97 14.34 -9.95
CA ALA B 244 7.44 13.05 -9.35
C ALA B 244 6.15 13.35 -8.61
N ALA B 245 6.16 14.27 -7.65
CA ALA B 245 4.95 14.52 -6.88
C ALA B 245 3.79 15.07 -7.77
N GLU B 246 4.13 15.89 -8.76
CA GLU B 246 3.12 16.48 -9.63
C GLU B 246 2.51 15.43 -10.57
N ARG B 247 3.31 14.56 -11.18
CA ARG B 247 2.72 13.54 -12.06
C ARG B 247 1.83 12.55 -11.30
N ALA B 248 2.24 12.25 -10.07
CA ALA B 248 1.53 11.34 -9.15
C ALA B 248 0.15 11.94 -8.81
N ALA B 249 0.14 13.22 -8.39
CA ALA B 249 -1.15 13.90 -8.13
C ALA B 249 -2.07 13.85 -9.38
N LEU B 250 -1.48 14.09 -10.53
CA LEU B 250 -2.30 14.38 -11.68
C LEU B 250 -2.79 13.08 -12.24
N PHE B 251 -2.04 11.99 -12.03
CA PHE B 251 -2.59 10.70 -12.41
C PHE B 251 -3.94 10.53 -11.75
N TRP B 252 -3.97 10.80 -10.46
CA TRP B 252 -5.18 10.57 -9.66
C TRP B 252 -6.25 11.61 -9.92
N ARG B 253 -5.81 12.81 -10.17
CA ARG B 253 -6.79 13.88 -10.45
C ARG B 253 -7.52 13.54 -11.74
N TRP B 254 -6.75 13.18 -12.75
CA TRP B 254 -7.33 12.83 -14.05
C TRP B 254 -8.17 11.53 -14.02
N THR B 255 -7.77 10.58 -13.17
CA THR B 255 -8.53 9.39 -13.00
C THR B 255 -9.84 9.61 -12.20
N MET B 256 -9.72 10.11 -10.97
CA MET B 256 -10.85 10.10 -10.05
C MET B 256 -11.26 11.47 -9.61
N GLY B 257 -10.61 12.49 -10.13
CA GLY B 257 -11.09 13.89 -9.93
C GLY B 257 -10.60 14.62 -8.68
N PHE B 258 -9.78 13.97 -7.90
CA PHE B 258 -9.11 14.61 -6.77
C PHE B 258 -7.83 13.85 -6.53
N ASN B 259 -7.02 14.41 -5.66
CA ASN B 259 -5.69 13.87 -5.45
C ASN B 259 -5.08 14.26 -4.09
N ALA B 260 -3.88 13.78 -3.83
CA ALA B 260 -3.21 13.97 -2.62
C ALA B 260 -1.96 14.87 -2.86
N THR B 261 -1.27 15.13 -1.75
CA THR B 261 0.10 15.60 -1.76
C THR B 261 1.04 14.48 -1.26
N MET B 262 2.32 14.73 -1.35
CA MET B 262 3.30 13.80 -0.89
C MET B 262 3.31 13.63 0.61
N GLU B 263 3.09 14.66 1.37
CA GLU B 263 2.96 14.48 2.80
C GLU B 263 1.57 13.89 3.05
N GLY B 264 0.55 14.41 2.38
CA GLY B 264 -0.78 14.12 2.82
C GLY B 264 -1.26 12.72 2.55
N ILE B 265 -0.69 12.05 1.52
CA ILE B 265 -1.06 10.69 1.24
C ILE B 265 -0.69 9.83 2.46
N HIS B 266 0.32 10.28 3.23
CA HIS B 266 0.77 9.52 4.39
C HIS B 266 -0.18 9.69 5.54
N ARG B 267 -1.00 10.75 5.51
CA ARG B 267 -2.07 10.94 6.51
C ARG B 267 -3.30 10.10 6.20
N TRP B 268 -3.73 10.09 4.94
CA TRP B 268 -4.69 9.04 4.45
C TRP B 268 -4.23 7.61 4.84
N ALA B 269 -2.95 7.33 4.66
CA ALA B 269 -2.41 6.04 4.98
C ALA B 269 -2.49 5.73 6.48
N ILE B 270 -1.95 6.59 7.35
CA ILE B 270 -1.91 6.21 8.74
C ILE B 270 -3.34 5.97 9.22
N TRP B 271 -4.30 6.79 8.77
CA TRP B 271 -5.66 6.67 9.26
C TRP B 271 -6.43 5.47 8.72
N MET B 272 -6.27 5.18 7.43
CA MET B 272 -6.91 4.05 6.82
C MET B 272 -6.54 2.81 7.63
N ALA B 273 -5.27 2.65 7.92
CA ALA B 273 -4.76 1.48 8.70
C ALA B 273 -5.27 1.47 10.17
N VAL B 274 -5.05 2.54 10.86
CA VAL B 274 -5.33 2.65 12.27
C VAL B 274 -6.82 2.45 12.57
N LEU B 275 -7.68 2.80 11.61
CA LEU B 275 -9.12 2.71 11.83
C LEU B 275 -9.61 1.26 11.74
N VAL B 276 -8.80 0.37 11.15
CA VAL B 276 -9.08 -1.05 11.19
C VAL B 276 -9.32 -1.53 12.64
N THR B 277 -8.32 -1.37 13.47
CA THR B 277 -8.34 -1.86 14.81
C THR B 277 -9.04 -0.94 15.79
N LEU B 278 -9.20 0.35 15.47
CA LEU B 278 -9.98 1.23 16.36
C LEU B 278 -11.46 0.85 16.32
N THR B 279 -12.01 0.85 15.12
CA THR B 279 -13.37 0.46 14.96
C THR B 279 -13.53 -0.98 15.37
N GLY B 280 -12.60 -1.85 14.96
CA GLY B 280 -12.66 -3.28 15.31
C GLY B 280 -12.71 -3.48 16.82
N GLY B 281 -11.93 -2.71 17.55
CA GLY B 281 -11.91 -2.81 19.00
C GLY B 281 -13.21 -2.39 19.64
N ILE B 282 -13.86 -1.38 19.07
CA ILE B 282 -15.14 -0.90 19.60
C ILE B 282 -16.18 -2.03 19.43
N GLY B 283 -16.25 -2.53 18.21
CA GLY B 283 -17.15 -3.58 17.86
C GLY B 283 -17.14 -4.77 18.76
N ILE B 284 -15.94 -5.24 19.08
CA ILE B 284 -15.73 -6.35 20.03
C ILE B 284 -16.04 -5.91 21.45
N LEU B 285 -15.62 -4.72 21.86
CA LEU B 285 -15.88 -4.28 23.24
C LEU B 285 -17.36 -4.24 23.55
N LEU B 286 -18.16 -3.82 22.57
CA LEU B 286 -19.62 -3.70 22.77
C LEU B 286 -20.32 -5.06 22.73
N SER B 287 -19.64 -6.11 22.24
CA SER B 287 -20.27 -7.39 22.00
C SER B 287 -20.35 -8.15 23.28
N GLY B 288 -21.58 -8.44 23.72
CA GLY B 288 -21.83 -9.18 24.95
C GLY B 288 -21.82 -8.34 26.20
N THR B 289 -21.30 -7.12 26.13
CA THR B 289 -21.32 -6.21 27.28
C THR B 289 -22.60 -5.32 27.19
N VAL B 290 -22.85 -4.81 25.98
CA VAL B 290 -23.98 -3.96 25.67
C VAL B 290 -24.92 -4.60 24.64
N VAL B 291 -24.42 -5.43 23.74
CA VAL B 291 -25.23 -6.01 22.68
C VAL B 291 -24.95 -7.49 22.66
N ASP B 292 -25.97 -8.30 22.94
CA ASP B 292 -25.80 -9.73 22.96
C ASP B 292 -25.98 -10.30 21.59
N ASN B 293 -26.67 -9.57 20.72
CA ASN B 293 -27.03 -10.12 19.43
C ASN B 293 -27.08 -9.01 18.35
N TRP B 294 -26.13 -9.04 17.43
CA TRP B 294 -26.07 -7.96 16.49
C TRP B 294 -27.23 -7.99 15.47
N TYR B 295 -27.77 -9.16 15.13
CA TYR B 295 -28.91 -9.22 14.22
C TYR B 295 -30.08 -8.49 14.86
N VAL B 296 -30.33 -8.81 16.12
CA VAL B 296 -31.38 -8.22 16.91
C VAL B 296 -31.20 -6.72 17.05
N TRP B 297 -30.00 -6.31 17.38
CA TRP B 297 -29.64 -4.90 17.54
C TRP B 297 -30.00 -4.14 16.29
N GLY B 298 -29.51 -4.68 15.17
CA GLY B 298 -29.81 -4.20 13.85
C GLY B 298 -31.27 -3.98 13.56
N GLN B 299 -32.13 -4.86 14.03
CA GLN B 299 -33.53 -4.78 13.69
C GLN B 299 -34.18 -3.58 14.39
N ASN B 300 -33.57 -3.12 15.48
CA ASN B 300 -34.11 -2.04 16.29
C ASN B 300 -33.39 -0.71 16.13
N HIS B 301 -32.37 -0.66 15.28
CA HIS B 301 -31.48 0.49 15.19
C HIS B 301 -31.02 0.67 13.72
N GLY B 302 -31.99 0.75 12.81
CA GLY B 302 -31.73 0.70 11.35
C GLY B 302 -30.88 -0.53 10.94
N ASP C 11 -29.30 3.79 23.79
CA ASP C 11 -28.39 2.60 23.54
C ASP C 11 -26.93 3.05 23.29
N LEU C 12 -25.99 2.54 24.08
CA LEU C 12 -24.58 2.89 23.92
C LEU C 12 -23.90 2.50 22.58
N ALA C 13 -24.36 1.46 21.89
CA ALA C 13 -23.83 1.11 20.57
C ALA C 13 -24.28 2.13 19.56
N SER C 14 -25.58 2.45 19.57
CA SER C 14 -26.13 3.55 18.75
C SER C 14 -25.37 4.82 18.98
N LEU C 15 -25.07 5.16 20.23
CA LEU C 15 -24.34 6.38 20.48
C LEU C 15 -22.91 6.26 19.88
N ALA C 16 -22.27 5.11 20.06
CA ALA C 16 -20.93 4.89 19.54
C ALA C 16 -20.92 5.01 18.01
N ILE C 17 -21.84 4.38 17.31
CA ILE C 17 -21.78 4.34 15.84
C ILE C 17 -22.09 5.70 15.23
N TYR C 18 -23.03 6.40 15.83
CA TYR C 18 -23.41 7.75 15.40
C TYR C 18 -22.23 8.71 15.61
N SER C 19 -21.58 8.64 16.78
CA SER C 19 -20.39 9.48 17.05
C SER C 19 -19.25 9.19 16.07
N PHE C 20 -19.07 7.92 15.74
CA PHE C 20 -17.98 7.51 14.85
C PHE C 20 -18.15 8.10 13.45
N TRP C 21 -19.36 8.07 12.93
CA TRP C 21 -19.65 8.69 11.66
C TRP C 21 -19.40 10.18 11.67
N ILE C 22 -19.67 10.84 12.80
CA ILE C 22 -19.42 12.29 12.88
C ILE C 22 -17.90 12.46 12.82
N PHE C 23 -17.21 11.68 13.63
CA PHE C 23 -15.77 11.69 13.61
C PHE C 23 -15.21 11.42 12.22
N LEU C 24 -15.68 10.40 11.53
CA LEU C 24 -15.14 10.09 10.18
C LEU C 24 -15.38 11.21 9.17
N ALA C 25 -16.53 11.84 9.24
CA ALA C 25 -16.80 13.02 8.41
C ALA C 25 -15.80 14.17 8.71
N GLY C 26 -15.55 14.45 9.99
CA GLY C 26 -14.56 15.48 10.34
C GLY C 26 -13.14 15.11 9.89
N LEU C 27 -12.78 13.84 10.06
CA LEU C 27 -11.49 13.33 9.66
C LEU C 27 -11.31 13.46 8.13
N ILE C 28 -12.32 13.06 7.35
CA ILE C 28 -12.19 13.16 5.90
C ILE C 28 -12.04 14.62 5.49
N TYR C 29 -12.78 15.49 6.13
CA TYR C 29 -12.67 16.93 5.87
C TYR C 29 -11.24 17.39 6.10
N TYR C 30 -10.74 17.10 7.30
CA TYR C 30 -9.34 17.46 7.70
C TYR C 30 -8.30 16.88 6.70
N LEU C 31 -8.41 15.60 6.44
CA LEU C 31 -7.49 14.96 5.46
C LEU C 31 -7.52 15.66 4.09
N GLN C 32 -8.70 16.01 3.60
CA GLN C 32 -8.79 16.63 2.29
C GLN C 32 -8.11 18.00 2.32
N THR C 33 -8.37 18.79 3.35
CA THR C 33 -7.71 20.08 3.47
C THR C 33 -6.22 19.93 3.58
N GLU C 34 -5.74 18.90 4.28
CA GLU C 34 -4.28 18.72 4.38
C GLU C 34 -3.69 18.46 3.00
N ASN C 35 -4.46 17.80 2.15
CA ASN C 35 -4.02 17.47 0.80
C ASN C 35 -4.17 18.61 -0.21
N MET C 36 -4.49 19.80 0.29
CA MET C 36 -4.60 21.00 -0.54
C MET C 36 -3.49 22.00 -0.20
N ARG C 37 -2.44 21.48 0.46
CA ARG C 37 -1.26 22.35 0.76
C ARG C 37 -0.37 22.56 -0.44
N GLU C 38 -0.65 21.88 -1.53
CA GLU C 38 0.07 22.13 -2.77
C GLU C 38 -0.93 22.18 -3.92
N GLY C 39 -0.68 23.07 -4.85
CA GLY C 39 -1.41 23.12 -6.10
C GLY C 39 -2.70 23.94 -6.10
N TYR C 40 -3.07 24.54 -4.97
CA TYR C 40 -4.34 25.24 -4.78
C TYR C 40 -3.90 26.62 -4.37
N PRO C 41 -4.72 27.67 -4.62
CA PRO C 41 -6.05 27.56 -5.27
C PRO C 41 -6.00 27.04 -6.71
N LEU C 42 -7.11 26.42 -7.12
CA LEU C 42 -7.28 25.99 -8.49
C LEU C 42 -7.27 27.20 -9.42
N GLU C 43 -6.81 26.94 -10.63
CA GLU C 43 -6.61 27.99 -11.60
C GLU C 43 -7.36 27.75 -12.89
N ASN C 44 -7.67 28.83 -13.59
CA ASN C 44 -8.06 28.70 -14.99
C ASN C 44 -6.84 28.35 -15.83
N GLU C 45 -7.12 27.91 -17.05
CA GLU C 45 -6.11 27.60 -18.06
C GLU C 45 -5.15 28.77 -18.32
N ASP C 46 -5.57 30.00 -18.03
CA ASP C 46 -4.66 31.16 -18.18
C ASP C 46 -3.87 31.46 -16.91
N GLY C 47 -4.09 30.67 -15.87
CA GLY C 47 -3.32 30.79 -14.65
C GLY C 47 -3.83 31.80 -13.66
N THR C 48 -5.01 32.33 -13.89
CA THR C 48 -5.70 33.13 -12.91
C THR C 48 -6.54 32.18 -12.01
N PRO C 49 -6.94 32.68 -10.84
CA PRO C 49 -7.75 31.92 -9.89
C PRO C 49 -9.14 31.48 -10.39
N ALA C 50 -9.43 30.19 -10.37
CA ALA C 50 -10.75 29.74 -10.79
C ALA C 50 -11.82 30.26 -9.83
N ALA C 51 -13.05 30.38 -10.37
CA ALA C 51 -14.20 30.87 -9.63
C ALA C 51 -14.63 29.85 -8.59
N ASN C 52 -14.74 28.58 -8.99
CA ASN C 52 -15.20 27.51 -8.10
C ASN C 52 -14.01 26.79 -7.57
N GLN C 53 -13.80 26.92 -6.26
CA GLN C 53 -12.69 26.27 -5.58
C GLN C 53 -13.10 24.94 -4.94
N GLY C 54 -14.38 24.69 -4.85
CA GLY C 54 -14.84 23.54 -4.10
C GLY C 54 -15.33 23.93 -2.71
N PRO C 55 -15.98 22.97 -2.02
CA PRO C 55 -16.50 23.20 -0.67
C PRO C 55 -15.40 23.13 0.41
N PHE C 56 -14.20 22.64 0.09
CA PHE C 56 -13.12 22.57 1.11
C PHE C 56 -12.25 23.80 1.06
N PRO C 57 -12.00 24.45 2.21
CA PRO C 57 -11.15 25.65 2.22
C PRO C 57 -9.69 25.26 2.29
N LEU C 58 -8.80 26.22 2.01
CA LEU C 58 -7.38 25.99 2.18
C LEU C 58 -7.12 25.85 3.67
N PRO C 59 -6.20 24.94 4.04
CA PRO C 59 -5.84 24.87 5.45
C PRO C 59 -5.04 26.09 5.87
N LYS C 60 -4.94 26.24 7.18
CA LYS C 60 -4.02 27.18 7.82
C LYS C 60 -2.53 26.78 7.56
N PRO C 61 -1.67 27.72 7.19
CA PRO C 61 -0.30 27.35 6.78
C PRO C 61 0.51 26.59 7.84
N LYS C 62 1.36 25.68 7.41
CA LYS C 62 2.30 25.07 8.33
C LYS C 62 3.70 25.43 7.83
N THR C 63 4.69 25.41 8.71
CA THR C 63 6.05 25.58 8.23
C THR C 63 6.99 24.44 8.58
N PHE C 64 7.69 23.93 7.58
CA PHE C 64 8.71 22.89 7.77
C PHE C 64 10.02 23.60 7.92
N ILE C 65 10.75 23.30 8.99
CA ILE C 65 12.11 23.84 9.17
C ILE C 65 13.06 22.86 8.45
N LEU C 66 13.70 23.30 7.37
CA LEU C 66 14.53 22.39 6.61
C LEU C 66 15.93 22.28 7.23
N PRO C 67 16.53 21.08 7.22
CA PRO C 67 17.84 20.92 7.84
C PRO C 67 18.96 21.60 7.09
N HIS C 68 20.13 21.63 7.71
CA HIS C 68 21.35 22.21 7.09
C HIS C 68 21.23 23.65 6.59
N GLY C 69 20.50 24.48 7.33
CA GLY C 69 20.44 25.94 7.05
C GLY C 69 19.73 26.26 5.74
N ARG C 70 18.88 25.34 5.30
CA ARG C 70 18.35 25.42 3.97
C ARG C 70 17.04 26.17 3.92
N GLY C 71 16.59 26.67 5.07
CA GLY C 71 15.42 27.56 5.12
C GLY C 71 14.21 26.85 5.69
N THR C 72 13.00 27.46 5.45
CA THR C 72 11.78 26.78 5.68
C THR C 72 11.02 26.58 4.33
N LEU C 73 9.85 25.85 4.49
CA LEU C 73 8.83 25.78 3.44
C LEU C 73 7.54 26.00 4.17
N THR C 74 6.76 26.97 3.71
CA THR C 74 5.44 27.23 4.31
C THR C 74 4.36 26.96 3.28
N VAL C 75 3.40 26.10 3.61
CA VAL C 75 2.39 25.71 2.67
C VAL C 75 1.05 25.64 3.41
N PRO C 76 -0.03 26.11 2.78
CA PRO C 76 -0.04 26.66 1.44
C PRO C 76 0.66 28.02 1.36
N GLY C 77 1.17 28.31 0.18
CA GLY C 77 1.58 29.64 -0.12
C GLY C 77 1.38 29.95 -1.58
N PRO C 78 1.69 31.19 -1.98
CA PRO C 78 1.68 31.65 -3.38
C PRO C 78 2.36 30.70 -4.35
N GLU C 79 1.55 30.10 -5.22
CA GLU C 79 1.95 29.09 -6.19
C GLU C 79 2.38 29.80 -7.48
N SER C 80 3.47 29.37 -8.05
CA SER C 80 3.97 29.91 -9.27
C SER C 80 4.88 28.87 -9.90
N GLU C 81 4.83 28.77 -11.22
CA GLU C 81 5.65 27.80 -11.94
C GLU C 81 7.12 28.17 -11.89
N ASP C 82 7.42 29.48 -11.80
CA ASP C 82 8.78 30.03 -11.85
C ASP C 82 9.58 29.60 -13.10
N ARG C 83 8.93 29.47 -14.24
CA ARG C 83 9.58 29.08 -15.51
C ARG C 83 8.52 29.27 -16.60
N PRO C 84 8.93 29.56 -17.84
CA PRO C 84 7.95 29.77 -18.91
C PRO C 84 7.39 28.44 -19.47
N ILE C 85 6.12 28.40 -19.87
CA ILE C 85 5.54 27.17 -20.34
C ILE C 85 5.19 27.29 -21.84
N ALA C 86 6.06 26.68 -22.67
CA ALA C 86 5.95 26.75 -24.13
C ALA C 86 4.78 25.89 -24.64
N LEU C 87 3.56 26.31 -24.35
CA LEU C 87 2.34 25.61 -24.77
C LEU C 87 1.30 26.63 -25.18
N ALA C 88 0.36 26.21 -26.03
CA ALA C 88 -0.72 27.09 -26.49
C ALA C 88 -2.02 26.32 -26.63
N ARG C 89 -3.13 27.03 -26.44
CA ARG C 89 -4.44 26.44 -26.58
C ARG C 89 -4.69 25.95 -27.99
N THR C 90 -5.39 24.82 -28.09
CA THR C 90 -5.80 24.25 -29.37
C THR C 90 -7.30 24.37 -29.58
N ALA C 91 -8.02 24.92 -28.60
CA ALA C 91 -9.49 25.09 -28.67
C ALA C 91 -9.90 26.46 -28.12
N VAL C 92 -11.13 26.87 -28.41
CA VAL C 92 -11.65 28.15 -27.94
C VAL C 92 -12.36 28.03 -26.58
N SER C 93 -12.43 26.82 -26.01
CA SER C 93 -13.03 26.66 -24.69
C SER C 93 -12.22 25.70 -23.82
N GLU C 94 -12.63 25.58 -22.55
CA GLU C 94 -11.85 24.86 -21.51
C GLU C 94 -11.87 23.37 -21.79
N GLY C 95 -10.78 22.70 -21.41
CA GLY C 95 -10.83 21.25 -21.30
C GLY C 95 -10.12 20.49 -22.39
N PHE C 96 -9.53 21.19 -23.35
CA PHE C 96 -8.74 20.54 -24.40
C PHE C 96 -7.23 20.67 -24.17
N PRO C 97 -6.44 19.83 -24.88
CA PRO C 97 -5.01 19.86 -24.80
C PRO C 97 -4.41 21.17 -25.28
N HIS C 98 -3.15 21.33 -24.87
CA HIS C 98 -2.36 22.51 -25.16
C HIS C 98 -1.12 22.02 -25.90
N ALA C 99 -1.00 22.48 -27.13
CA ALA C 99 0.04 22.06 -28.06
C ALA C 99 1.35 22.75 -27.73
N PRO C 100 2.46 22.01 -27.71
CA PRO C 100 3.77 22.60 -27.65
C PRO C 100 3.94 23.60 -28.76
N THR C 101 4.57 24.73 -28.45
CA THR C 101 4.80 25.80 -29.40
C THR C 101 6.17 25.70 -30.07
N GLY C 102 7.02 24.84 -29.53
CA GLY C 102 8.32 24.50 -30.14
C GLY C 102 8.56 23.03 -29.93
N ASP C 103 9.78 22.67 -29.56
CA ASP C 103 10.13 21.27 -29.36
C ASP C 103 9.84 20.89 -27.87
N PRO C 104 8.86 20.01 -27.64
CA PRO C 104 8.44 19.78 -26.26
C PRO C 104 9.57 19.17 -25.39
N MET C 105 10.48 18.45 -26.00
CA MET C 105 11.62 17.90 -25.22
C MET C 105 12.57 18.98 -24.74
N LYS C 106 12.87 19.98 -25.57
CA LYS C 106 13.77 21.08 -25.17
C LYS C 106 13.05 22.07 -24.26
N ASP C 107 11.78 22.30 -24.53
CA ASP C 107 11.01 23.25 -23.79
C ASP C 107 10.54 22.67 -22.47
N GLY C 108 10.59 21.32 -22.33
CA GLY C 108 10.25 20.67 -21.08
C GLY C 108 8.78 20.79 -20.70
N VAL C 109 7.91 20.27 -21.57
CA VAL C 109 6.48 20.32 -21.39
C VAL C 109 5.95 18.93 -21.66
N GLY C 110 4.67 18.73 -21.41
CA GLY C 110 4.14 17.40 -21.56
C GLY C 110 4.85 16.39 -20.70
N PRO C 111 5.03 15.16 -21.19
CA PRO C 111 5.77 14.21 -20.34
C PRO C 111 7.29 14.51 -20.24
N ALA C 112 7.76 15.52 -20.94
CA ALA C 112 9.12 16.01 -20.75
C ALA C 112 9.18 17.10 -19.67
N SER C 113 8.11 17.33 -18.91
CA SER C 113 8.10 18.48 -17.97
C SER C 113 9.11 18.33 -16.85
N TRP C 114 9.57 19.45 -16.35
CA TRP C 114 10.37 19.47 -15.12
C TRP C 114 9.84 20.52 -14.17
N VAL C 115 10.07 20.38 -12.86
CA VAL C 115 9.71 21.43 -11.90
C VAL C 115 10.94 22.18 -11.57
N ALA C 116 10.74 23.42 -11.16
CA ALA C 116 11.86 24.32 -10.80
C ALA C 116 12.18 24.13 -9.33
N ARG C 117 12.62 22.92 -9.02
CA ARG C 117 13.15 22.59 -7.69
C ARG C 117 14.42 23.42 -7.44
N ARG C 118 14.81 23.48 -6.17
CA ARG C 118 16.07 24.08 -5.80
C ARG C 118 17.25 23.55 -6.64
N ASP C 119 18.05 24.50 -7.10
CA ASP C 119 19.34 24.25 -7.73
C ASP C 119 20.46 24.01 -6.68
N LEU C 120 20.18 23.11 -5.73
CA LEU C 120 21.20 22.51 -4.83
C LEU C 120 21.00 20.98 -4.76
N PRO C 121 22.05 20.25 -4.34
CA PRO C 121 21.85 18.80 -4.20
C PRO C 121 21.10 18.44 -2.92
N GLU C 122 20.37 17.32 -2.93
CA GLU C 122 19.85 16.74 -1.72
C GLU C 122 20.99 16.31 -0.84
N LEU C 123 20.87 16.63 0.43
CA LEU C 123 21.87 16.31 1.44
C LEU C 123 21.34 15.19 2.29
N ASP C 124 22.27 14.43 2.86
CA ASP C 124 21.92 13.39 3.79
C ASP C 124 21.89 13.90 5.21
N GLY C 125 21.71 12.96 6.12
CA GLY C 125 21.60 13.24 7.52
C GLY C 125 22.75 13.99 8.07
N HIS C 126 23.93 13.82 7.49
CA HIS C 126 25.12 14.51 7.97
C HIS C 126 25.47 15.70 7.13
N GLY C 127 24.60 16.20 6.28
CA GLY C 127 24.95 17.34 5.44
C GLY C 127 25.82 17.06 4.22
N HIS C 128 25.97 15.80 3.82
CA HIS C 128 26.80 15.47 2.66
C HIS C 128 25.93 15.19 1.49
N ASN C 129 26.43 15.42 0.28
CA ASN C 129 25.64 15.13 -0.92
C ASN C 129 25.14 13.71 -0.90
N LYS C 130 23.83 13.55 -1.12
CA LYS C 130 23.16 12.26 -1.06
C LYS C 130 23.58 11.35 -2.22
N ILE C 131 23.80 11.94 -3.41
CA ILE C 131 24.12 11.21 -4.62
C ILE C 131 25.52 11.63 -5.07
N LYS C 132 26.40 10.65 -5.32
CA LYS C 132 27.77 10.93 -5.83
C LYS C 132 28.11 9.88 -6.83
N PRO C 133 28.99 10.23 -7.76
CA PRO C 133 29.49 9.21 -8.66
C PRO C 133 30.23 8.19 -7.80
N MET C 134 30.13 6.91 -8.16
CA MET C 134 30.70 5.85 -7.31
C MET C 134 32.22 5.97 -7.18
N LYS C 135 32.76 6.51 -8.20
CA LYS C 135 34.19 6.76 -8.17
C LYS C 135 34.58 7.69 -7.03
N ALA C 136 33.75 8.59 -6.66
CA ALA C 136 34.02 9.54 -5.57
C ALA C 136 33.42 9.09 -4.23
N ALA C 137 32.84 7.90 -4.15
CA ALA C 137 32.14 7.44 -2.94
C ALA C 137 32.93 6.35 -2.20
N ALA C 138 33.71 6.79 -1.23
CA ALA C 138 34.61 5.92 -0.45
C ALA C 138 33.94 4.60 -0.11
N GLY C 139 34.53 3.49 -0.55
CA GLY C 139 34.12 2.15 -0.18
C GLY C 139 32.94 1.54 -0.89
N PHE C 140 32.30 2.33 -1.75
CA PHE C 140 31.21 1.86 -2.60
C PHE C 140 31.70 1.10 -3.83
N HIS C 141 31.04 0.00 -4.09
CA HIS C 141 31.30 -0.85 -5.23
C HIS C 141 30.04 -1.63 -5.55
N VAL C 142 29.98 -2.15 -6.77
CA VAL C 142 28.92 -3.09 -7.14
C VAL C 142 29.10 -4.39 -6.38
N SER C 143 28.01 -4.83 -5.77
CA SER C 143 28.04 -6.01 -4.87
C SER C 143 27.29 -7.23 -5.40
N ALA C 144 26.44 -7.06 -6.39
CA ALA C 144 25.70 -8.16 -7.00
C ALA C 144 25.02 -7.59 -8.25
N GLY C 145 24.79 -8.44 -9.26
CA GLY C 145 24.19 -8.00 -10.52
C GLY C 145 25.27 -7.76 -11.54
N LYS C 146 24.90 -7.59 -12.78
CA LYS C 146 25.84 -7.27 -13.82
C LYS C 146 26.36 -5.82 -13.56
N ASN C 147 27.67 -5.64 -13.51
CA ASN C 147 28.22 -4.29 -13.43
C ASN C 147 28.07 -3.61 -14.81
N PRO C 148 27.30 -2.52 -14.90
CA PRO C 148 27.14 -1.86 -16.17
C PRO C 148 28.28 -0.96 -16.65
N ILE C 149 29.29 -0.67 -15.79
CA ILE C 149 30.30 0.29 -16.14
C ILE C 149 31.04 -0.32 -17.28
N GLY C 150 31.16 0.39 -18.40
CA GLY C 150 31.89 -0.12 -19.56
C GLY C 150 30.98 -0.62 -20.68
N LEU C 151 29.73 -0.93 -20.36
CA LEU C 151 28.73 -1.29 -21.37
C LEU C 151 28.37 -0.17 -22.33
N PRO C 152 28.26 -0.50 -23.63
CA PRO C 152 27.75 0.46 -24.59
C PRO C 152 26.27 0.67 -24.32
N VAL C 153 25.81 1.87 -24.59
CA VAL C 153 24.45 2.27 -24.37
C VAL C 153 23.72 2.45 -25.73
N ARG C 154 22.61 1.73 -25.86
CA ARG C 154 21.83 1.68 -27.09
C ARG C 154 20.51 2.39 -26.90
N GLY C 155 20.17 3.22 -27.88
CA GLY C 155 18.85 3.88 -27.93
C GLY C 155 17.80 3.05 -28.65
N CYS C 156 16.56 3.55 -28.63
CA CYS C 156 15.46 2.82 -29.23
C CYS C 156 15.48 2.86 -30.77
N ASP C 157 16.34 3.68 -31.37
CA ASP C 157 16.61 3.49 -32.79
C ASP C 157 17.60 2.35 -33.06
N LEU C 158 17.93 1.57 -32.02
CA LEU C 158 18.92 0.49 -32.09
C LEU C 158 20.33 0.94 -32.49
N GLU C 159 20.67 2.20 -32.25
CA GLU C 159 22.02 2.74 -32.49
C GLU C 159 22.69 3.09 -31.15
N ILE C 160 24.02 2.95 -31.10
CA ILE C 160 24.79 3.21 -29.90
C ILE C 160 24.85 4.70 -29.65
N ALA C 161 24.45 5.14 -28.47
CA ALA C 161 24.50 6.56 -28.10
C ALA C 161 25.76 6.83 -27.27
N GLY C 162 26.33 5.81 -26.64
CA GLY C 162 27.55 5.98 -25.88
C GLY C 162 27.97 4.78 -25.05
N LYS C 163 28.69 5.07 -23.96
CA LYS C 163 29.20 4.06 -23.03
C LYS C 163 29.03 4.47 -21.56
N VAL C 164 28.78 3.49 -20.71
CA VAL C 164 28.64 3.75 -19.27
C VAL C 164 30.03 3.97 -18.64
N VAL C 165 30.18 5.10 -17.96
CA VAL C 165 31.46 5.41 -17.28
C VAL C 165 31.34 5.44 -15.72
N ASP C 166 30.16 5.47 -15.16
CA ASP C 166 30.04 5.29 -13.72
C ASP C 166 28.60 5.08 -13.37
N ILE C 167 28.39 4.68 -12.12
CA ILE C 167 27.08 4.62 -11.54
C ILE C 167 27.07 5.76 -10.54
N TRP C 168 26.01 6.55 -10.50
CA TRP C 168 25.80 7.49 -9.43
C TRP C 168 24.97 6.84 -8.35
N VAL C 169 25.48 6.85 -7.13
CA VAL C 169 24.90 6.08 -6.06
C VAL C 169 24.32 6.99 -5.01
N ASP C 170 23.25 6.53 -4.38
CA ASP C 170 22.70 7.15 -3.22
C ASP C 170 23.45 6.61 -2.03
N ILE C 171 24.25 7.40 -1.37
CA ILE C 171 25.09 6.91 -0.27
C ILE C 171 24.25 6.38 0.89
N PRO C 172 23.39 7.21 1.49
CA PRO C 172 22.67 6.70 2.69
C PRO C 172 21.72 5.51 2.45
N GLU C 173 21.26 5.36 1.23
CA GLU C 173 20.35 4.28 0.91
C GLU C 173 21.03 3.17 0.13
N GLN C 174 22.33 3.30 -0.14
CA GLN C 174 23.08 2.24 -0.83
C GLN C 174 22.33 1.66 -2.01
N MET C 175 22.09 2.49 -3.02
CA MET C 175 21.38 2.10 -4.22
C MET C 175 21.87 2.91 -5.44
N ALA C 176 21.78 2.33 -6.63
CA ALA C 176 22.15 2.93 -7.90
C ALA C 176 21.07 3.90 -8.30
N ARG C 177 21.40 5.15 -8.60
CA ARG C 177 20.37 6.07 -9.02
C ARG C 177 20.48 6.55 -10.44
N PHE C 178 21.68 6.74 -10.94
CA PHE C 178 21.87 7.06 -12.35
C PHE C 178 23.03 6.28 -12.91
N LEU C 179 23.03 6.10 -14.23
CA LEU C 179 24.23 5.72 -14.97
C LEU C 179 24.80 7.00 -15.64
N GLU C 180 26.13 7.15 -15.59
CA GLU C 180 26.76 8.26 -16.22
C GLU C 180 27.26 7.74 -17.55
N VAL C 181 26.85 8.41 -18.62
CA VAL C 181 27.04 7.86 -19.94
C VAL C 181 27.87 8.84 -20.78
N GLU C 182 28.97 8.38 -21.33
CA GLU C 182 29.80 9.25 -22.12
C GLU C 182 29.36 9.18 -23.58
N LEU C 183 29.28 10.37 -24.17
CA LEU C 183 28.86 10.56 -25.54
C LEU C 183 30.06 10.70 -26.45
N LYS C 184 29.75 10.68 -27.75
CA LYS C 184 30.71 10.76 -28.87
C LYS C 184 31.73 11.85 -28.68
N ASP C 185 31.31 13.02 -28.16
CA ASP C 185 32.22 14.20 -27.98
C ASP C 185 32.96 14.19 -26.65
N GLY C 186 32.81 13.14 -25.85
CA GLY C 186 33.57 13.01 -24.60
C GLY C 186 32.94 13.62 -23.36
N SER C 187 31.86 14.40 -23.52
CA SER C 187 31.08 14.85 -22.36
C SER C 187 30.17 13.70 -21.93
N THR C 188 29.53 13.84 -20.76
CA THR C 188 28.73 12.77 -20.19
C THR C 188 27.31 13.24 -19.89
N ARG C 189 26.38 12.30 -19.70
CA ARG C 189 25.07 12.64 -19.21
C ARG C 189 24.65 11.60 -18.18
N LEU C 190 23.71 11.99 -17.33
CA LEU C 190 23.11 11.08 -16.44
C LEU C 190 21.79 10.51 -17.04
N LEU C 191 21.64 9.20 -16.92
CA LEU C 191 20.43 8.46 -17.22
C LEU C 191 19.85 7.90 -15.93
N PRO C 192 18.61 8.19 -15.63
CA PRO C 192 17.94 7.48 -14.54
C PRO C 192 18.01 5.97 -14.67
N MET C 193 18.29 5.33 -13.56
CA MET C 193 18.54 3.88 -13.50
C MET C 193 17.20 3.18 -13.71
N GLN C 194 16.11 3.86 -13.39
CA GLN C 194 14.76 3.32 -13.63
C GLN C 194 14.37 3.32 -15.11
N MET C 195 15.16 3.94 -15.98
CA MET C 195 14.82 4.01 -17.39
C MET C 195 15.81 3.29 -18.25
N VAL C 196 16.60 2.40 -17.66
CA VAL C 196 17.57 1.67 -18.45
C VAL C 196 17.37 0.21 -18.15
N LYS C 197 17.80 -0.59 -19.09
CA LYS C 197 17.75 -2.02 -18.97
C LYS C 197 19.18 -2.51 -19.13
N VAL C 198 19.74 -3.03 -18.03
CA VAL C 198 21.09 -3.53 -18.07
C VAL C 198 21.02 -4.95 -18.58
N GLN C 199 21.66 -5.20 -19.72
CA GLN C 199 21.68 -6.51 -20.33
C GLN C 199 23.11 -7.04 -20.35
N SER C 200 23.27 -8.31 -20.73
CA SER C 200 24.59 -8.91 -20.62
C SER C 200 25.68 -8.17 -21.41
N ASN C 201 25.34 -7.56 -22.54
CA ASN C 201 26.31 -6.94 -23.44
C ASN C 201 26.01 -5.48 -23.78
N ARG C 202 25.02 -4.91 -23.14
CA ARG C 202 24.71 -3.52 -23.38
C ARG C 202 23.77 -3.00 -22.31
N VAL C 203 23.62 -1.67 -22.29
CA VAL C 203 22.53 -1.04 -21.58
C VAL C 203 21.57 -0.50 -22.65
N HIS C 204 20.32 -0.92 -22.58
CA HIS C 204 19.29 -0.47 -23.51
C HIS C 204 18.40 0.58 -22.91
N VAL C 205 18.23 1.66 -23.67
CA VAL C 205 17.36 2.79 -23.28
C VAL C 205 16.20 2.99 -24.28
N ASN C 206 15.06 2.41 -23.92
CA ASN C 206 13.89 2.48 -24.78
C ASN C 206 13.32 3.88 -25.05
N ALA C 207 13.34 4.74 -24.04
CA ALA C 207 12.78 6.08 -24.06
C ALA C 207 13.43 7.01 -25.08
N LEU C 208 14.71 6.81 -25.39
CA LEU C 208 15.43 7.72 -26.26
C LEU C 208 16.15 7.03 -27.44
N SER C 209 16.02 7.64 -28.61
CA SER C 209 16.85 7.30 -29.75
C SER C 209 18.19 7.97 -29.58
N SER C 210 19.17 7.48 -30.30
CA SER C 210 20.56 7.87 -30.03
C SER C 210 20.80 9.34 -30.29
N ASP C 211 20.16 9.88 -31.31
CA ASP C 211 20.26 11.32 -31.64
C ASP C 211 19.75 12.23 -30.52
N LEU C 212 18.97 11.73 -29.59
CA LEU C 212 18.44 12.58 -28.51
C LEU C 212 19.34 12.66 -27.25
N PHE C 213 20.42 11.86 -27.18
CA PHE C 213 21.22 11.81 -25.97
C PHE C 213 21.95 13.12 -25.68
N ALA C 214 22.40 13.78 -26.73
CA ALA C 214 23.14 15.04 -26.62
C ALA C 214 22.30 16.14 -25.97
N GLY C 215 20.99 16.08 -26.21
CA GLY C 215 20.05 17.01 -25.64
C GLY C 215 19.65 16.74 -24.20
N ILE C 216 20.03 15.60 -23.60
CA ILE C 216 19.86 15.43 -22.14
C ILE C 216 20.52 16.62 -21.48
N PRO C 217 19.80 17.33 -20.59
CA PRO C 217 20.36 18.41 -19.80
C PRO C 217 21.61 18.00 -19.03
N THR C 218 22.65 18.81 -19.12
CA THR C 218 23.94 18.49 -18.48
C THR C 218 23.96 19.04 -17.06
N ILE C 219 24.91 18.61 -16.25
CA ILE C 219 25.00 19.09 -14.86
C ILE C 219 26.17 20.05 -14.80
N LYS C 220 26.09 21.05 -13.95
CA LYS C 220 27.07 22.11 -14.00
C LYS C 220 28.33 21.76 -13.24
N SER C 221 28.27 20.85 -12.28
CA SER C 221 29.51 20.37 -11.62
C SER C 221 29.52 18.85 -11.80
N PRO C 222 30.65 18.28 -12.21
CA PRO C 222 30.67 16.87 -12.58
C PRO C 222 30.62 15.86 -11.44
N THR C 223 30.69 16.28 -10.18
CA THR C 223 30.63 15.31 -9.05
C THR C 223 29.44 15.52 -8.14
N GLU C 224 28.44 16.28 -8.60
CA GLU C 224 27.21 16.41 -7.85
C GLU C 224 26.11 16.80 -8.83
N VAL C 225 24.86 16.46 -8.48
CA VAL C 225 23.67 16.89 -9.17
C VAL C 225 22.74 17.62 -8.22
N THR C 226 22.06 18.61 -8.76
CA THR C 226 21.11 19.37 -7.98
C THR C 226 19.70 18.83 -8.20
N LEU C 227 18.81 19.17 -7.27
CA LEU C 227 17.43 18.75 -7.41
C LEU C 227 16.84 19.23 -8.74
N LEU C 228 17.11 20.48 -9.12
CA LEU C 228 16.66 21.04 -10.39
C LEU C 228 17.18 20.28 -11.60
N GLU C 229 18.45 19.90 -11.55
CA GLU C 229 19.08 19.15 -12.65
C GLU C 229 18.51 17.74 -12.77
N GLU C 230 18.24 17.13 -11.62
CA GLU C 230 17.59 15.79 -11.63
C GLU C 230 16.26 15.87 -12.34
N ASP C 231 15.51 16.92 -12.08
CA ASP C 231 14.16 17.03 -12.65
C ASP C 231 14.25 17.23 -14.15
N LYS C 232 15.20 18.06 -14.59
CA LYS C 232 15.35 18.28 -16.02
C LYS C 232 15.74 16.98 -16.75
N ILE C 233 16.68 16.23 -16.18
CA ILE C 233 17.12 14.95 -16.77
C ILE C 233 16.00 13.90 -16.76
N CYS C 234 15.36 13.75 -15.62
CA CYS C 234 14.32 12.73 -15.50
C CYS C 234 13.12 13.06 -16.42
N GLY C 235 12.68 14.31 -16.39
CA GLY C 235 11.67 14.79 -17.35
C GLY C 235 12.00 14.49 -18.82
N TYR C 236 13.19 14.89 -19.24
CA TYR C 236 13.60 14.76 -20.61
C TYR C 236 13.60 13.33 -21.05
N VAL C 237 14.21 12.46 -20.25
CA VAL C 237 14.21 11.03 -20.55
C VAL C 237 12.81 10.44 -20.62
N ALA C 238 11.98 10.72 -19.62
CA ALA C 238 10.57 10.20 -19.69
C ALA C 238 9.83 10.74 -20.95
N GLY C 239 10.07 12.01 -21.29
CA GLY C 239 9.43 12.63 -22.45
C GLY C 239 9.64 11.83 -23.74
N GLY C 240 10.74 11.11 -23.82
CA GLY C 240 11.08 10.41 -25.05
C GLY C 240 10.12 9.27 -25.36
N LEU C 241 9.48 8.71 -24.34
CA LEU C 241 8.53 7.64 -24.60
C LEU C 241 7.43 8.12 -25.57
N MET C 242 6.90 9.31 -25.35
CA MET C 242 6.01 9.92 -26.30
C MET C 242 6.76 10.53 -27.49
N TYR C 243 7.76 11.37 -27.24
CA TYR C 243 8.25 12.23 -28.31
C TYR C 243 9.33 11.59 -29.18
N ALA C 244 9.91 10.47 -28.78
CA ALA C 244 10.83 9.77 -29.67
C ALA C 244 10.14 8.56 -30.36
N ALA C 245 8.83 8.38 -30.13
CA ALA C 245 8.08 7.27 -30.76
C ALA C 245 8.25 7.03 -32.30
N PRO C 246 8.26 8.08 -33.14
CA PRO C 246 8.61 7.84 -34.57
C PRO C 246 9.94 7.04 -34.77
N LYS C 247 11.02 7.45 -34.10
CA LYS C 247 12.31 6.74 -34.18
C LYS C 247 12.36 5.44 -33.38
N ARG C 248 11.29 5.09 -32.68
CA ARG C 248 11.30 3.88 -31.86
C ARG C 248 10.96 2.64 -32.71
N LYS C 249 11.99 1.90 -33.12
CA LYS C 249 11.81 0.62 -33.85
C LYS C 249 11.05 -0.46 -33.05
N SER C 250 10.38 -1.38 -33.75
CA SER C 250 9.72 -2.53 -33.08
C SER C 250 10.74 -3.55 -32.51
N VAL C 251 10.41 -4.11 -31.34
CA VAL C 251 11.36 -4.89 -30.48
C VAL C 251 10.68 -5.12 -29.13
#